data_8FYF
#
_entry.id   8FYF
#
loop_
_entity.id
_entity.type
_entity.pdbx_description
1 polymer 'Endosomal/lysosomal potassium channel TMEM175'
2 polymer 'Lysosome-associated membrane glycoprotein 1'
#
loop_
_entity_poly.entity_id
_entity_poly.type
_entity_poly.pdbx_seq_one_letter_code
_entity_poly.pdbx_strand_id
1 'polypeptide(L)'
;MSQPRTPEQALDTPGDCPPGRRDEDAGEGIQCSQRMLSFSDALLSIIATVMILPVTHTEISPEQQFDRSVQRLLATRIAV
YLMTFLIVTVAWAAHTRLFQVVGKTDDTLALLNLACMMTITFLPYTFSLMVTFPDVPLGIFLFCVCVIAIGVVQALIVGY
AFHFPHLLSPQIQRSAHRALYRRHVLGIVLQGPALCFAAAIFSLFFVPLSYLLMVTVILLPYVSKVTGWCRDRLLGHREP
SAHPVEVFSFDLHEPLSKERVEAFSDGVYAIVATLLILDICEDNVPDPKDVKERFSGSLVAALSATGPRFLAYFGSFATV
GLLWFAHHSLFLHVRKATRAMGLLNTLSLAFVGGLPLAYQQTSAFARQPRDELERVRVSCTIIFLASIFQLAMWTTALLH
QAETLQPSVWFGGREHVLMFAKLALYPCASLLAFASTCLLSRFSVGIFHLMQIAVPCAFLLLRLLVGLALATLRVLRGLA
RPEHPPPAPTGQDDPQSQLLPAPC
;
A,B
2 'polypeptide(L)'
;MAAPGSARRPLLLLLLLLLLGLMHCASAAMFMVKNGNGTACIMANFSAAFSVNYDTKSGPKNMTFDLPSDATVVLNRSSC
GKENTSDPSLVIAFGRGHTLTLNFTRNATRYSVQLMSFVYNLSDTHLFPNASSKEIKTVESITDIRADIDKKYRCVSGTQ
VHMNNVTVTLHDATIQAYLSNSSFSRGETRCEQDRPSPTTAPPAPPSPSPSPVPKSPSVDKYNVSGTNGTCLLASMGLQL
NLTYERKDNTTVTRLLNINPNKTSASGSCGAHLVTLELHSEGTTVLLFQFGMNASSSRFFLQGIQLNTILPDARDPAFKA
ANGSLRALQATVGNSYKCNAEEHVRVTKAFSVNIFKVWVQAFKVEGGQFGSVEECLLDENSMLIPIAVGGALAGLVLIVL
IAYLVGRKRSHAGYQTI
;
C,D
#
# COMPACT_ATOMS: atom_id res chain seq x y z
N ILE A 30 -15.20 -23.11 3.11
CA ILE A 30 -14.00 -23.20 2.24
C ILE A 30 -14.18 -22.23 1.07
N GLN A 31 -13.31 -21.22 1.00
CA GLN A 31 -13.49 -20.12 0.07
C GLN A 31 -12.15 -19.83 -0.62
N CYS A 32 -12.24 -19.06 -1.70
CA CYS A 32 -11.05 -18.70 -2.47
C CYS A 32 -10.09 -17.87 -1.63
N SER A 33 -8.80 -18.06 -1.86
CA SER A 33 -7.76 -17.40 -1.08
C SER A 33 -7.22 -16.14 -1.73
N GLN A 34 -7.82 -15.67 -2.82
CA GLN A 34 -7.25 -14.55 -3.57
C GLN A 34 -7.06 -13.32 -2.69
N ARG A 35 -8.11 -12.93 -1.97
CA ARG A 35 -8.07 -11.65 -1.26
C ARG A 35 -7.07 -11.66 -0.11
N MET A 36 -6.96 -12.79 0.59
CA MET A 36 -5.99 -12.85 1.68
C MET A 36 -4.57 -12.73 1.15
N LEU A 37 -4.30 -13.32 -0.01
CA LEU A 37 -2.99 -13.15 -0.63
C LEU A 37 -2.76 -11.71 -1.08
N SER A 38 -3.80 -11.04 -1.57
CA SER A 38 -3.66 -9.63 -1.93
C SER A 38 -3.30 -8.79 -0.70
N PHE A 39 -4.00 -9.02 0.41
CA PHE A 39 -3.71 -8.29 1.63
C PHE A 39 -2.29 -8.58 2.12
N SER A 40 -1.87 -9.85 2.04
CA SER A 40 -0.52 -10.21 2.44
C SER A 40 0.51 -9.51 1.56
N ASP A 41 0.23 -9.41 0.26
CA ASP A 41 1.14 -8.72 -0.63
C ASP A 41 1.24 -7.23 -0.30
N ALA A 42 0.12 -6.60 0.05
CA ALA A 42 0.18 -5.20 0.47
C ALA A 42 1.03 -5.04 1.72
N LEU A 43 0.80 -5.89 2.72
CA LEU A 43 1.59 -5.82 3.93
C LEU A 43 3.07 -6.03 3.62
N LEU A 44 3.39 -6.99 2.76
CA LEU A 44 4.78 -7.28 2.45
C LEU A 44 5.43 -6.12 1.71
N SER A 45 4.70 -5.47 0.80
CA SER A 45 5.25 -4.28 0.15
C SER A 45 5.61 -3.22 1.19
N ILE A 46 4.68 -2.94 2.11
CA ILE A 46 4.95 -1.93 3.13
C ILE A 46 6.18 -2.32 3.95
N ILE A 47 6.24 -3.57 4.41
CA ILE A 47 7.34 -4.00 5.26
C ILE A 47 8.67 -3.92 4.50
N ALA A 48 8.69 -4.39 3.25
CA ALA A 48 9.93 -4.38 2.49
C ALA A 48 10.43 -2.95 2.28
N THR A 49 9.52 -2.03 1.97
CA THR A 49 9.92 -0.67 1.67
C THR A 49 10.01 0.23 2.89
N VAL A 50 9.78 -0.30 4.10
CA VAL A 50 9.81 0.53 5.31
C VAL A 50 11.13 1.28 5.44
N MET A 51 12.26 0.59 5.26
CA MET A 51 13.55 1.18 5.58
C MET A 51 14.00 2.23 4.58
N ILE A 52 13.19 2.56 3.57
CA ILE A 52 13.53 3.67 2.70
C ILE A 52 13.31 5.01 3.40
N LEU A 53 12.40 5.06 4.37
CA LEU A 53 12.06 6.34 5.00
C LEU A 53 13.27 7.01 5.64
N PRO A 54 14.09 6.31 6.42
CA PRO A 54 15.30 6.98 6.95
C PRO A 54 16.18 7.58 5.88
N VAL A 55 16.26 6.96 4.70
CA VAL A 55 17.10 7.49 3.64
C VAL A 55 16.57 8.82 3.13
N THR A 56 15.26 8.90 2.84
CA THR A 56 14.70 10.15 2.35
C THR A 56 14.57 11.18 3.46
N HIS A 57 14.38 10.74 4.70
CA HIS A 57 14.28 11.64 5.83
C HIS A 57 15.66 12.04 6.34
N THR A 58 16.69 11.80 5.55
CA THR A 58 18.06 12.02 5.97
C THR A 58 18.41 13.51 5.94
N GLU A 59 19.47 13.86 6.65
CA GLU A 59 20.03 15.22 6.61
C GLU A 59 20.75 15.43 5.28
N ILE A 60 20.00 15.92 4.30
CA ILE A 60 20.40 15.77 2.90
C ILE A 60 21.70 16.50 2.62
N SER A 61 21.70 17.82 2.78
CA SER A 61 22.83 18.60 2.27
C SER A 61 23.09 19.86 3.08
N PRO A 62 23.96 19.80 4.09
CA PRO A 62 24.46 21.03 4.69
C PRO A 62 25.67 21.56 3.93
N GLU A 63 25.75 22.88 3.81
CA GLU A 63 26.83 23.51 3.06
C GLU A 63 28.16 23.28 3.77
N GLN A 64 29.23 23.69 3.10
CA GLN A 64 30.61 23.55 3.57
C GLN A 64 31.07 22.09 3.63
N GLN A 65 30.33 21.17 3.01
CA GLN A 65 30.77 19.79 2.81
C GLN A 65 31.07 19.09 4.14
N PHE A 66 30.02 18.87 4.94
CA PHE A 66 30.11 17.93 6.04
C PHE A 66 30.00 16.49 5.56
N ASP A 67 30.15 16.26 4.26
CA ASP A 67 30.06 14.92 3.67
C ASP A 67 31.09 14.00 4.27
N ARG A 68 32.32 14.48 4.48
CA ARG A 68 33.41 13.63 4.93
C ARG A 68 33.00 12.76 6.12
N SER A 69 31.99 13.17 6.87
CA SER A 69 31.46 12.39 7.98
C SER A 69 30.00 12.00 7.81
N VAL A 70 29.24 12.72 6.98
CA VAL A 70 27.82 12.41 6.83
C VAL A 70 27.62 11.25 5.86
N GLN A 71 28.57 11.06 4.93
CA GLN A 71 28.41 10.04 3.90
C GLN A 71 28.51 8.63 4.47
N ARG A 72 29.26 8.43 5.54
CA ARG A 72 29.25 7.12 6.19
C ARG A 72 27.85 6.78 6.69
N LEU A 73 27.19 7.74 7.34
CA LEU A 73 25.82 7.51 7.79
C LEU A 73 24.89 7.23 6.62
N LEU A 74 24.99 8.02 5.56
CA LEU A 74 24.09 7.83 4.43
C LEU A 74 24.31 6.46 3.78
N ALA A 75 25.58 6.07 3.59
CA ALA A 75 25.87 4.77 2.99
C ALA A 75 25.39 3.64 3.88
N THR A 76 25.55 3.76 5.19
CA THR A 76 25.05 2.75 6.10
C THR A 76 23.54 2.60 5.94
N ARG A 77 22.83 3.73 5.86
CA ARG A 77 21.38 3.66 5.72
C ARG A 77 20.99 3.00 4.40
N ILE A 78 21.67 3.35 3.31
CA ILE A 78 21.34 2.74 2.02
C ILE A 78 21.60 1.23 2.05
N ALA A 79 22.72 0.82 2.64
CA ALA A 79 23.02 -0.61 2.72
C ALA A 79 21.97 -1.34 3.52
N VAL A 80 21.56 -0.75 4.66
CA VAL A 80 20.52 -1.37 5.47
C VAL A 80 19.23 -1.49 4.67
N TYR A 81 18.88 -0.44 3.92
CA TYR A 81 17.69 -0.50 3.09
C TYR A 81 17.74 -1.67 2.12
N LEU A 82 18.85 -1.78 1.39
CA LEU A 82 18.96 -2.84 0.38
C LEU A 82 18.87 -4.21 1.03
N MET A 83 19.59 -4.41 2.13
CA MET A 83 19.60 -5.72 2.78
C MET A 83 18.21 -6.09 3.29
N THR A 84 17.53 -5.13 3.94
CA THR A 84 16.21 -5.42 4.46
C THR A 84 15.22 -5.70 3.33
N PHE A 85 15.29 -4.95 2.24
CA PHE A 85 14.41 -5.20 1.11
C PHE A 85 14.61 -6.60 0.57
N LEU A 86 15.88 -7.01 0.41
CA LEU A 86 16.13 -8.34 -0.11
C LEU A 86 15.62 -9.43 0.84
N ILE A 87 15.83 -9.24 2.14
CA ILE A 87 15.36 -10.23 3.12
C ILE A 87 13.84 -10.36 3.06
N VAL A 88 13.15 -9.23 3.04
CA VAL A 88 11.69 -9.27 3.02
C VAL A 88 11.19 -9.85 1.71
N THR A 89 11.89 -9.59 0.61
CA THR A 89 11.51 -10.21 -0.66
C THR A 89 11.67 -11.72 -0.61
N VAL A 90 12.72 -12.21 0.03
CA VAL A 90 12.88 -13.66 0.19
C VAL A 90 11.72 -14.23 1.00
N ALA A 91 11.35 -13.53 2.09
CA ALA A 91 10.22 -14.00 2.88
C ALA A 91 8.94 -14.01 2.06
N TRP A 92 8.73 -12.98 1.24
CA TRP A 92 7.54 -12.92 0.39
C TRP A 92 7.52 -14.07 -0.61
N ALA A 93 8.69 -14.40 -1.18
CA ALA A 93 8.73 -15.51 -2.12
C ALA A 93 8.39 -16.82 -1.43
N ALA A 94 8.90 -17.02 -0.22
CA ALA A 94 8.55 -18.21 0.55
C ALA A 94 7.04 -18.26 0.78
N HIS A 95 6.44 -17.13 1.15
CA HIS A 95 5.00 -17.08 1.35
C HIS A 95 4.24 -17.41 0.07
N THR A 96 4.70 -16.88 -1.06
CA THR A 96 4.03 -17.13 -2.33
C THR A 96 4.05 -18.61 -2.66
N ARG A 97 5.20 -19.27 -2.49
CA ARG A 97 5.25 -20.71 -2.73
C ARG A 97 4.34 -21.46 -1.77
N LEU A 98 4.38 -21.10 -0.49
CA LEU A 98 3.59 -21.80 0.51
C LEU A 98 2.11 -21.76 0.17
N PHE A 99 1.61 -20.59 -0.23
CA PHE A 99 0.20 -20.48 -0.57
C PHE A 99 -0.08 -20.78 -2.03
N GLN A 100 0.96 -21.10 -2.81
CA GLN A 100 0.78 -21.79 -4.08
C GLN A 100 0.48 -23.26 -3.89
N VAL A 101 1.14 -23.93 -2.95
CA VAL A 101 0.79 -25.32 -2.69
C VAL A 101 -0.58 -25.40 -2.02
N VAL A 102 -0.87 -24.48 -1.10
CA VAL A 102 -2.19 -24.41 -0.47
C VAL A 102 -3.12 -23.66 -1.41
N GLY A 103 -4.23 -24.30 -1.77
CA GLY A 103 -5.12 -23.74 -2.76
C GLY A 103 -6.22 -22.88 -2.20
N LYS A 104 -6.99 -23.42 -1.26
CA LYS A 104 -8.13 -22.71 -0.68
C LYS A 104 -7.77 -22.18 0.70
N THR A 105 -8.72 -21.47 1.31
CA THR A 105 -8.53 -20.88 2.63
C THR A 105 -9.80 -21.03 3.45
N ASP A 106 -9.64 -20.94 4.77
CA ASP A 106 -10.76 -21.01 5.70
C ASP A 106 -10.48 -20.05 6.85
N ASP A 107 -11.40 -20.02 7.81
CA ASP A 107 -11.29 -19.08 8.92
C ASP A 107 -9.98 -19.27 9.67
N THR A 108 -9.51 -20.49 9.82
CA THR A 108 -8.28 -20.77 10.55
C THR A 108 -7.05 -20.33 9.77
N LEU A 109 -7.03 -20.59 8.47
CA LEU A 109 -5.86 -20.25 7.67
C LEU A 109 -5.68 -18.74 7.59
N ALA A 110 -6.78 -17.99 7.58
CA ALA A 110 -6.67 -16.54 7.58
C ALA A 110 -5.96 -16.04 8.83
N LEU A 111 -6.33 -16.56 9.99
CA LEU A 111 -5.70 -16.13 11.24
C LEU A 111 -4.24 -16.57 11.29
N LEU A 112 -3.95 -17.79 10.82
CA LEU A 112 -2.57 -18.23 10.78
C LEU A 112 -1.73 -17.35 9.87
N ASN A 113 -2.28 -16.96 8.72
CA ASN A 113 -1.58 -16.05 7.82
C ASN A 113 -1.37 -14.70 8.46
N LEU A 114 -2.36 -14.22 9.21
CA LEU A 114 -2.19 -12.96 9.95
C LEU A 114 -1.03 -13.06 10.93
N ALA A 115 -0.94 -14.18 11.64
CA ALA A 115 0.17 -14.37 12.57
C ALA A 115 1.51 -14.37 11.81
N CYS A 116 1.55 -15.04 10.66
CA CYS A 116 2.78 -15.08 9.87
C CYS A 116 3.17 -13.68 9.43
N MET A 117 2.20 -12.88 8.99
CA MET A 117 2.49 -11.52 8.57
C MET A 117 2.99 -10.68 9.74
N MET A 118 2.35 -10.82 10.90
CA MET A 118 2.78 -10.05 12.07
C MET A 118 4.22 -10.38 12.44
N THR A 119 4.57 -11.66 12.43
CA THR A 119 5.95 -12.01 12.76
C THR A 119 6.92 -11.57 11.68
N ILE A 120 6.48 -11.55 10.41
CA ILE A 120 7.35 -11.05 9.35
C ILE A 120 7.64 -9.57 9.54
N THR A 121 6.66 -8.80 10.04
CA THR A 121 6.82 -7.35 10.08
C THR A 121 8.02 -6.91 10.92
N PHE A 122 8.56 -7.77 11.77
CA PHE A 122 9.66 -7.39 12.65
C PHE A 122 11.04 -7.50 12.00
N LEU A 123 11.15 -8.14 10.84
CA LEU A 123 12.47 -8.37 10.25
C LEU A 123 13.26 -7.09 10.05
N PRO A 124 12.70 -6.01 9.50
CA PRO A 124 13.52 -4.80 9.32
C PRO A 124 14.12 -4.26 10.60
N TYR A 125 13.31 -4.10 11.65
CA TYR A 125 13.82 -3.55 12.89
C TYR A 125 14.89 -4.44 13.49
N THR A 126 14.66 -5.76 13.50
CA THR A 126 15.63 -6.66 14.09
C THR A 126 16.93 -6.66 13.31
N PHE A 127 16.85 -6.64 11.98
CA PHE A 127 18.07 -6.58 11.17
C PHE A 127 18.83 -5.28 11.42
N SER A 128 18.10 -4.16 11.51
CA SER A 128 18.76 -2.89 11.78
C SER A 128 19.43 -2.91 13.15
N LEU A 129 18.76 -3.48 14.14
CA LEU A 129 19.35 -3.59 15.48
C LEU A 129 20.61 -4.45 15.44
N MET A 130 20.55 -5.57 14.71
CA MET A 130 21.71 -6.44 14.60
C MET A 130 22.90 -5.71 13.98
N VAL A 131 22.66 -5.03 12.87
CA VAL A 131 23.75 -4.32 12.20
C VAL A 131 24.24 -3.16 13.06
N THR A 132 23.37 -2.58 13.87
CA THR A 132 23.78 -1.47 14.73
C THR A 132 24.70 -1.94 15.85
N PHE A 133 24.48 -3.14 16.37
CA PHE A 133 25.25 -3.67 17.50
C PHE A 133 25.73 -5.08 17.16
N PRO A 134 26.65 -5.20 16.20
CA PRO A 134 27.12 -6.54 15.81
C PRO A 134 27.84 -7.29 16.91
N ASP A 135 28.54 -6.59 17.81
CA ASP A 135 29.28 -7.28 18.86
C ASP A 135 28.35 -7.89 19.90
N VAL A 136 27.24 -7.23 20.21
CA VAL A 136 26.31 -7.75 21.22
C VAL A 136 25.53 -8.92 20.62
N PRO A 137 25.54 -10.09 21.25
CA PRO A 137 24.83 -11.24 20.66
C PRO A 137 23.32 -11.10 20.68
N LEU A 138 22.78 -10.13 21.41
CA LEU A 138 21.33 -10.00 21.53
C LEU A 138 20.67 -9.77 20.18
N GLY A 139 21.26 -8.92 19.34
CA GLY A 139 20.65 -8.64 18.05
C GLY A 139 20.60 -9.86 17.15
N ILE A 140 21.72 -10.59 17.07
CA ILE A 140 21.74 -11.79 16.25
C ILE A 140 20.74 -12.80 16.79
N PHE A 141 20.66 -12.95 18.12
CA PHE A 141 19.70 -13.87 18.71
C PHE A 141 18.27 -13.48 18.33
N LEU A 142 17.97 -12.17 18.38
CA LEU A 142 16.62 -11.72 18.05
C LEU A 142 16.28 -11.99 16.60
N PHE A 143 17.24 -11.75 15.70
CA PHE A 143 17.00 -12.06 14.28
C PHE A 143 16.74 -13.54 14.08
N CYS A 144 17.53 -14.39 14.74
CA CYS A 144 17.30 -15.83 14.65
C CYS A 144 15.92 -16.19 15.19
N VAL A 145 15.50 -15.53 16.28
CA VAL A 145 14.18 -15.79 16.85
C VAL A 145 13.09 -15.46 15.83
N CYS A 146 13.23 -14.31 15.16
CA CYS A 146 12.23 -13.92 14.17
C CYS A 146 12.15 -14.94 13.04
N VAL A 147 13.32 -15.37 12.54
CA VAL A 147 13.31 -16.33 11.43
C VAL A 147 12.68 -17.63 11.88
N ILE A 148 13.02 -18.10 13.08
CA ILE A 148 12.47 -19.35 13.58
C ILE A 148 10.95 -19.23 13.74
N ALA A 149 10.48 -18.07 14.20
CA ALA A 149 9.04 -17.89 14.36
C ALA A 149 8.34 -17.96 13.01
N ILE A 150 8.89 -17.29 12.00
CA ILE A 150 8.30 -17.36 10.66
C ILE A 150 8.23 -18.81 10.20
N GLY A 151 9.33 -19.54 10.36
CA GLY A 151 9.34 -20.93 9.94
C GLY A 151 8.32 -21.78 10.66
N VAL A 152 8.18 -21.56 11.97
CA VAL A 152 7.26 -22.36 12.77
C VAL A 152 5.82 -22.09 12.33
N VAL A 153 5.48 -20.82 12.10
CA VAL A 153 4.11 -20.51 11.70
C VAL A 153 3.82 -21.08 10.32
N GLN A 154 4.78 -21.00 9.39
CA GLN A 154 4.56 -21.60 8.09
C GLN A 154 4.41 -23.12 8.20
N ALA A 155 5.18 -23.75 9.08
CA ALA A 155 5.01 -25.19 9.31
C ALA A 155 3.64 -25.51 9.85
N LEU A 156 3.12 -24.68 10.76
CA LEU A 156 1.76 -24.89 11.27
C LEU A 156 0.75 -24.79 10.14
N ILE A 157 0.90 -23.80 9.26
CA ILE A 157 -0.01 -23.68 8.13
C ILE A 157 0.06 -24.92 7.25
N VAL A 158 1.26 -25.41 6.99
CA VAL A 158 1.44 -26.59 6.16
C VAL A 158 0.74 -27.78 6.79
N GLY A 159 0.95 -27.98 8.09
CA GLY A 159 0.31 -29.09 8.78
C GLY A 159 -1.20 -29.00 8.74
N TYR A 160 -1.74 -27.82 9.01
CA TYR A 160 -3.18 -27.64 8.98
C TYR A 160 -3.74 -27.94 7.59
N ALA A 161 -3.05 -27.46 6.55
CA ALA A 161 -3.51 -27.70 5.19
C ALA A 161 -3.53 -29.19 4.87
N PHE A 162 -2.42 -29.88 5.16
CA PHE A 162 -2.35 -31.30 4.81
C PHE A 162 -3.20 -32.18 5.71
N HIS A 163 -3.61 -31.69 6.88
CA HIS A 163 -4.54 -32.45 7.71
C HIS A 163 -5.96 -32.46 7.15
N PHE A 164 -6.29 -31.49 6.29
CA PHE A 164 -7.60 -31.38 5.65
C PHE A 164 -7.36 -31.38 4.15
N PRO A 165 -7.47 -32.54 3.50
CA PRO A 165 -7.06 -32.64 2.09
C PRO A 165 -7.73 -31.64 1.16
N HIS A 166 -8.99 -31.30 1.39
CA HIS A 166 -9.73 -30.51 0.41
C HIS A 166 -9.20 -29.09 0.25
N LEU A 167 -8.32 -28.63 1.14
CA LEU A 167 -7.77 -27.29 1.02
C LEU A 167 -6.60 -27.21 0.04
N LEU A 168 -5.84 -28.28 -0.12
CA LEU A 168 -4.69 -28.24 -1.02
C LEU A 168 -5.14 -27.93 -2.45
N SER A 169 -4.16 -27.62 -3.29
CA SER A 169 -4.47 -27.35 -4.69
C SER A 169 -4.95 -28.64 -5.36
N PRO A 170 -5.71 -28.54 -6.45
CA PRO A 170 -6.24 -29.76 -7.07
C PRO A 170 -5.17 -30.77 -7.43
N GLN A 171 -4.01 -30.31 -7.93
CA GLN A 171 -2.97 -31.22 -8.37
C GLN A 171 -2.45 -32.06 -7.21
N ILE A 172 -2.20 -31.41 -6.07
CA ILE A 172 -1.60 -32.13 -4.94
C ILE A 172 -2.57 -33.18 -4.39
N GLN A 173 -3.82 -32.79 -4.16
CA GLN A 173 -4.79 -33.73 -3.61
C GLN A 173 -5.24 -34.75 -4.64
N ARG A 174 -4.98 -34.54 -5.93
CA ARG A 174 -5.22 -35.58 -6.91
C ARG A 174 -4.11 -36.64 -6.86
N SER A 175 -2.90 -36.22 -6.54
CA SER A 175 -1.76 -37.14 -6.57
C SER A 175 -1.81 -38.11 -5.40
N ALA A 176 -1.17 -39.27 -5.59
CA ALA A 176 -1.07 -40.27 -4.55
C ALA A 176 0.22 -40.17 -3.74
N HIS A 177 1.16 -39.31 -4.16
CA HIS A 177 2.40 -39.11 -3.43
C HIS A 177 2.32 -37.98 -2.42
N ARG A 178 1.13 -37.42 -2.21
CA ARG A 178 0.91 -36.34 -1.24
C ARG A 178 1.60 -36.61 0.09
N ALA A 179 1.75 -37.88 0.45
CA ALA A 179 2.40 -38.21 1.72
C ALA A 179 3.84 -37.69 1.74
N LEU A 180 4.57 -37.83 0.63
CA LEU A 180 5.92 -37.30 0.56
C LEU A 180 5.92 -35.78 0.57
N TYR A 181 4.97 -35.17 -0.15
CA TYR A 181 4.92 -33.70 -0.22
C TYR A 181 4.66 -33.08 1.14
N ARG A 182 3.85 -33.74 1.97
CA ARG A 182 3.56 -33.25 3.31
C ARG A 182 4.84 -33.03 4.11
N ARG A 183 5.89 -33.79 3.83
CA ARG A 183 7.19 -33.59 4.46
C ARG A 183 8.11 -32.72 3.61
N HIS A 184 7.96 -32.78 2.28
CA HIS A 184 8.83 -32.02 1.40
C HIS A 184 8.64 -30.52 1.59
N VAL A 185 7.39 -30.05 1.54
CA VAL A 185 7.16 -28.62 1.69
C VAL A 185 7.59 -28.17 3.09
N LEU A 186 7.37 -29.02 4.10
CA LEU A 186 7.84 -28.69 5.44
C LEU A 186 9.34 -28.51 5.46
N GLY A 187 10.07 -29.40 4.79
CA GLY A 187 11.51 -29.24 4.68
C GLY A 187 11.92 -27.97 3.97
N ILE A 188 11.17 -27.56 2.94
CA ILE A 188 11.48 -26.29 2.27
C ILE A 188 11.29 -25.13 3.22
N VAL A 189 10.16 -25.09 3.94
CA VAL A 189 9.79 -23.88 4.68
C VAL A 189 10.53 -23.74 5.99
N LEU A 190 11.00 -24.83 6.59
CA LEU A 190 11.69 -24.74 7.87
C LEU A 190 12.96 -23.90 7.75
N ASP A 251 17.04 -24.31 -10.49
CA ASP A 251 15.85 -23.79 -9.81
C ASP A 251 15.17 -22.69 -10.63
N LEU A 252 15.90 -22.18 -11.64
CA LEU A 252 15.42 -21.00 -12.35
C LEU A 252 14.18 -21.26 -13.18
N HIS A 253 13.90 -22.52 -13.54
CA HIS A 253 12.76 -22.84 -14.37
C HIS A 253 11.47 -23.04 -13.58
N GLU A 254 11.52 -22.98 -12.26
CA GLU A 254 10.32 -23.21 -11.46
C GLU A 254 9.34 -22.05 -11.62
N PRO A 255 8.03 -22.31 -11.59
CA PRO A 255 7.07 -21.21 -11.76
C PRO A 255 6.85 -20.42 -10.48
N LEU A 256 6.59 -19.13 -10.64
CA LEU A 256 6.05 -18.30 -9.58
C LEU A 256 4.61 -17.92 -9.89
N SER A 257 3.91 -17.43 -8.88
CA SER A 257 2.55 -16.94 -9.07
C SER A 257 2.62 -15.58 -9.76
N LYS A 258 2.12 -15.52 -10.99
CA LYS A 258 2.13 -14.27 -11.73
C LYS A 258 1.29 -13.22 -11.03
N GLU A 259 0.15 -13.62 -10.46
CA GLU A 259 -0.73 -12.67 -9.81
C GLU A 259 -0.04 -12.02 -8.62
N ARG A 260 0.68 -12.81 -7.83
CA ARG A 260 1.33 -12.26 -6.65
C ARG A 260 2.53 -11.40 -7.01
N VAL A 261 3.25 -11.76 -8.09
CA VAL A 261 4.30 -10.89 -8.58
C VAL A 261 3.72 -9.53 -8.96
N GLU A 262 2.60 -9.54 -9.69
CA GLU A 262 1.97 -8.28 -10.07
C GLU A 262 1.55 -7.49 -8.84
N ALA A 263 0.95 -8.16 -7.86
CA ALA A 263 0.47 -7.44 -6.68
C ALA A 263 1.62 -6.82 -5.90
N PHE A 264 2.68 -7.59 -5.65
CA PHE A 264 3.82 -7.07 -4.89
C PHE A 264 4.49 -5.92 -5.64
N SER A 265 4.67 -6.07 -6.96
CA SER A 265 5.28 -5.01 -7.74
C SER A 265 4.44 -3.75 -7.70
N ASP A 266 3.11 -3.89 -7.83
CA ASP A 266 2.24 -2.73 -7.76
C ASP A 266 2.34 -2.05 -6.40
N GLY A 267 2.37 -2.84 -5.32
CA GLY A 267 2.51 -2.25 -4.01
C GLY A 267 3.78 -1.44 -3.88
N VAL A 268 4.91 -2.02 -4.32
CA VAL A 268 6.18 -1.32 -4.18
C VAL A 268 6.21 -0.06 -5.05
N TYR A 269 5.71 -0.16 -6.28
CA TYR A 269 5.69 1.01 -7.16
C TYR A 269 4.83 2.11 -6.58
N ALA A 270 3.65 1.76 -6.05
CA ALA A 270 2.78 2.78 -5.47
C ALA A 270 3.41 3.42 -4.25
N ILE A 271 4.06 2.62 -3.41
CA ILE A 271 4.70 3.17 -2.22
C ILE A 271 5.81 4.14 -2.61
N VAL A 272 6.63 3.75 -3.59
CA VAL A 272 7.76 4.58 -3.97
C VAL A 272 7.30 5.86 -4.67
N ALA A 273 6.30 5.75 -5.56
CA ALA A 273 5.91 6.89 -6.36
C ALA A 273 5.42 8.04 -5.49
N THR A 274 4.59 7.74 -4.50
CA THR A 274 4.08 8.75 -3.58
C THR A 274 4.95 8.89 -2.33
N LEU A 275 6.25 8.58 -2.43
CA LEU A 275 7.07 8.50 -1.22
C LEU A 275 7.30 9.88 -0.61
N LEU A 276 7.69 10.86 -1.42
CA LEU A 276 8.11 12.15 -0.91
C LEU A 276 7.03 13.22 -1.05
N ILE A 277 5.77 12.82 -1.21
CA ILE A 277 4.64 13.70 -0.93
C ILE A 277 4.20 13.56 0.52
N LEU A 278 4.45 12.43 1.15
CA LEU A 278 4.12 12.24 2.55
C LEU A 278 4.84 13.28 3.41
N ASP A 279 6.14 13.44 3.20
CA ASP A 279 6.89 14.41 4.00
C ASP A 279 6.51 15.84 3.65
N ILE A 280 6.20 16.11 2.38
CA ILE A 280 5.72 17.43 2.00
C ILE A 280 4.47 17.78 2.79
N CYS A 281 3.53 16.85 2.87
CA CYS A 281 2.34 17.08 3.67
C CYS A 281 2.67 17.20 5.15
N GLU A 282 3.62 16.39 5.62
CA GLU A 282 3.94 16.33 7.05
C GLU A 282 4.50 17.66 7.54
N ASP A 283 5.45 18.25 6.81
CA ASP A 283 6.24 19.35 7.33
C ASP A 283 6.35 20.57 6.41
N ASN A 284 5.70 20.57 5.25
CA ASN A 284 5.93 21.62 4.26
C ASN A 284 4.76 22.59 4.10
N VAL A 285 3.78 22.53 5.00
CA VAL A 285 2.71 23.54 4.95
C VAL A 285 3.20 24.81 5.63
N PRO A 286 3.07 25.99 5.01
CA PRO A 286 3.62 27.21 5.61
C PRO A 286 3.02 27.46 7.00
N ASP A 287 3.91 27.62 7.98
CA ASP A 287 3.47 28.01 9.31
C ASP A 287 3.05 29.47 9.31
N PRO A 288 1.93 29.81 9.96
CA PRO A 288 1.53 31.24 10.00
C PRO A 288 2.63 32.16 10.49
N LYS A 289 3.32 31.80 11.57
CA LYS A 289 4.41 32.64 12.06
C LYS A 289 5.56 32.66 11.07
N ASP A 290 5.84 31.51 10.43
CA ASP A 290 6.92 31.46 9.45
C ASP A 290 6.70 32.49 8.35
N VAL A 291 5.50 32.51 7.75
CA VAL A 291 5.21 33.48 6.71
C VAL A 291 5.17 34.89 7.29
N LYS A 292 4.68 35.03 8.52
CA LYS A 292 4.55 36.36 9.13
C LYS A 292 5.91 37.03 9.30
N GLU A 293 6.91 36.28 9.79
CA GLU A 293 8.22 36.86 10.07
C GLU A 293 9.09 36.94 8.82
N ARG A 294 9.43 35.79 8.23
CA ARG A 294 10.35 35.78 7.11
C ARG A 294 9.74 36.46 5.88
N PHE A 295 8.50 36.11 5.55
CA PHE A 295 7.87 36.56 4.32
C PHE A 295 6.86 37.68 4.54
N SER A 296 6.84 38.28 5.73
CA SER A 296 6.00 39.43 6.03
C SER A 296 4.53 39.19 5.72
N GLY A 297 4.08 37.94 5.86
CA GLY A 297 2.70 37.60 5.61
C GLY A 297 2.38 37.25 4.17
N SER A 298 3.32 37.43 3.25
CA SER A 298 3.11 37.10 1.84
C SER A 298 3.15 35.58 1.71
N LEU A 299 1.97 34.96 1.75
CA LEU A 299 1.90 33.50 1.68
C LEU A 299 2.49 32.99 0.37
N VAL A 300 2.35 33.76 -0.71
CA VAL A 300 2.86 33.32 -2.00
C VAL A 300 4.38 33.19 -1.96
N ALA A 301 5.05 34.14 -1.32
CA ALA A 301 6.50 34.07 -1.20
C ALA A 301 6.92 32.84 -0.39
N ALA A 302 6.24 32.58 0.72
CA ALA A 302 6.55 31.40 1.52
C ALA A 302 6.34 30.13 0.71
N LEU A 303 5.25 30.06 -0.05
CA LEU A 303 5.00 28.88 -0.87
C LEU A 303 6.10 28.70 -1.92
N SER A 304 6.46 29.79 -2.62
CA SER A 304 7.47 29.67 -3.66
C SER A 304 8.83 29.34 -3.07
N ALA A 305 9.05 29.65 -1.80
CA ALA A 305 10.31 29.28 -1.16
C ALA A 305 10.54 27.77 -1.18
N THR A 306 9.49 26.97 -1.31
CA THR A 306 9.59 25.52 -1.26
C THR A 306 9.38 24.85 -2.62
N GLY A 307 9.60 25.58 -3.72
CA GLY A 307 9.41 25.03 -5.04
C GLY A 307 10.23 23.78 -5.33
N PRO A 308 11.51 23.77 -4.92
CA PRO A 308 12.36 22.63 -5.29
C PRO A 308 11.81 21.28 -4.87
N ARG A 309 11.23 21.18 -3.67
CA ARG A 309 10.74 19.88 -3.24
C ARG A 309 9.51 19.46 -4.02
N PHE A 310 8.64 20.41 -4.36
CA PHE A 310 7.51 20.10 -5.23
C PHE A 310 7.97 19.61 -6.58
N LEU A 311 8.97 20.27 -7.16
CA LEU A 311 9.49 19.84 -8.46
C LEU A 311 10.09 18.44 -8.36
N ALA A 312 10.82 18.17 -7.28
CA ALA A 312 11.37 16.84 -7.10
C ALA A 312 10.27 15.79 -7.02
N TYR A 313 9.18 16.09 -6.29
CA TYR A 313 8.06 15.15 -6.23
C TYR A 313 7.46 14.92 -7.61
N PHE A 314 7.27 16.00 -8.38
CA PHE A 314 6.73 15.84 -9.71
C PHE A 314 7.57 14.88 -10.53
N GLY A 315 8.88 15.13 -10.58
CA GLY A 315 9.75 14.29 -11.38
C GLY A 315 9.75 12.84 -10.89
N SER A 316 9.81 12.65 -9.58
CA SER A 316 9.83 11.30 -9.02
C SER A 316 8.57 10.53 -9.39
N PHE A 317 7.41 11.17 -9.20
CA PHE A 317 6.15 10.48 -9.51
C PHE A 317 6.08 10.15 -10.99
N ALA A 318 6.46 11.10 -11.86
CA ALA A 318 6.40 10.83 -13.29
C ALA A 318 7.28 9.64 -13.65
N THR A 319 8.53 9.64 -13.19
CA THR A 319 9.45 8.56 -13.56
C THR A 319 8.95 7.21 -13.04
N VAL A 320 8.50 7.17 -11.79
CA VAL A 320 8.09 5.89 -11.22
C VAL A 320 6.82 5.39 -11.89
N GLY A 321 5.89 6.30 -12.20
CA GLY A 321 4.68 5.91 -12.89
C GLY A 321 4.97 5.34 -14.26
N LEU A 322 5.89 5.96 -15.00
CA LEU A 322 6.23 5.43 -16.32
C LEU A 322 6.95 4.09 -16.23
N LEU A 323 7.81 3.91 -15.22
CA LEU A 323 8.40 2.59 -15.02
C LEU A 323 7.34 1.55 -14.72
N TRP A 324 6.35 1.89 -13.89
CA TRP A 324 5.26 0.96 -13.64
C TRP A 324 4.48 0.68 -14.91
N PHE A 325 4.31 1.70 -15.75
CA PHE A 325 3.60 1.49 -17.01
C PHE A 325 4.33 0.47 -17.87
N ALA A 326 5.65 0.59 -17.96
CA ALA A 326 6.43 -0.39 -18.71
C ALA A 326 6.26 -1.78 -18.13
N HIS A 327 6.33 -1.89 -16.80
CA HIS A 327 6.15 -3.18 -16.14
C HIS A 327 4.79 -3.78 -16.45
N HIS A 328 3.75 -2.95 -16.38
CA HIS A 328 2.38 -3.41 -16.62
C HIS A 328 2.20 -3.88 -18.06
N SER A 329 2.72 -3.11 -19.01
CA SER A 329 2.64 -3.52 -20.40
C SER A 329 3.37 -4.84 -20.62
N LEU A 330 4.55 -5.00 -20.02
CA LEU A 330 5.27 -6.25 -20.13
C LEU A 330 4.44 -7.42 -19.59
N PHE A 331 3.93 -7.28 -18.37
CA PHE A 331 3.30 -8.41 -17.70
C PHE A 331 1.89 -8.68 -18.21
N LEU A 332 1.30 -7.79 -19.00
CA LEU A 332 0.05 -8.14 -19.65
C LEU A 332 0.23 -9.25 -20.68
N HIS A 333 1.47 -9.56 -21.06
CA HIS A 333 1.75 -10.52 -22.12
C HIS A 333 2.48 -11.77 -21.64
N VAL A 334 2.43 -12.07 -20.36
CA VAL A 334 3.16 -13.21 -19.79
C VAL A 334 2.15 -14.28 -19.41
N ARG A 335 2.44 -15.52 -19.80
CA ARG A 335 1.59 -16.65 -19.42
C ARG A 335 2.04 -17.24 -18.09
N LYS A 336 3.34 -17.37 -17.89
CA LYS A 336 3.89 -17.96 -16.68
C LYS A 336 5.15 -17.20 -16.28
N ALA A 337 5.36 -17.06 -14.97
CA ALA A 337 6.51 -16.34 -14.44
C ALA A 337 7.46 -17.33 -13.77
N THR A 338 8.74 -17.25 -14.13
CA THR A 338 9.75 -18.15 -13.60
C THR A 338 10.56 -17.48 -12.49
N ARG A 339 11.35 -18.29 -11.79
CA ARG A 339 12.13 -17.77 -10.68
C ARG A 339 13.20 -16.79 -11.14
N ALA A 340 13.78 -17.01 -12.32
CA ALA A 340 14.72 -16.03 -12.85
C ALA A 340 14.05 -14.68 -13.08
N MET A 341 12.84 -14.70 -13.64
CA MET A 341 12.08 -13.48 -13.81
C MET A 341 11.79 -12.83 -12.46
N GLY A 342 11.49 -13.63 -11.45
CA GLY A 342 11.27 -13.09 -10.12
C GLY A 342 12.50 -12.40 -9.55
N LEU A 343 13.67 -13.03 -9.72
CA LEU A 343 14.90 -12.42 -9.23
C LEU A 343 15.19 -11.12 -9.95
N LEU A 344 15.02 -11.10 -11.27
CA LEU A 344 15.26 -9.87 -12.01
C LEU A 344 14.27 -8.79 -11.60
N ASN A 345 13.02 -9.17 -11.36
CA ASN A 345 12.03 -8.21 -10.88
C ASN A 345 12.41 -7.65 -9.52
N THR A 346 12.93 -8.52 -8.64
CA THR A 346 13.36 -8.05 -7.33
C THR A 346 14.49 -7.04 -7.45
N LEU A 347 15.46 -7.31 -8.32
CA LEU A 347 16.53 -6.33 -8.54
C LEU A 347 15.97 -5.03 -9.09
N SER A 348 15.05 -5.12 -10.05
CA SER A 348 14.45 -3.93 -10.64
C SER A 348 13.77 -3.09 -9.56
N LEU A 349 12.98 -3.72 -8.70
CA LEU A 349 12.28 -2.98 -7.65
C LEU A 349 13.26 -2.37 -6.65
N ALA A 350 14.29 -3.14 -6.28
CA ALA A 350 15.27 -2.62 -5.33
C ALA A 350 15.93 -1.37 -5.86
N PHE A 351 16.28 -1.36 -7.15
CA PHE A 351 16.89 -0.15 -7.72
C PHE A 351 15.86 0.95 -7.98
N VAL A 352 14.60 0.59 -8.24
CA VAL A 352 13.56 1.60 -8.38
C VAL A 352 13.41 2.37 -7.09
N GLY A 353 13.55 1.69 -5.96
CA GLY A 353 13.32 2.33 -4.68
C GLY A 353 14.16 3.58 -4.45
N GLY A 354 15.30 3.68 -5.10
CA GLY A 354 16.20 4.81 -4.86
C GLY A 354 15.86 6.08 -5.60
N LEU A 355 14.90 6.06 -6.52
CA LEU A 355 14.61 7.25 -7.32
C LEU A 355 14.20 8.46 -6.48
N PRO A 356 13.33 8.34 -5.47
CA PRO A 356 12.98 9.52 -4.67
C PRO A 356 14.19 10.22 -4.08
N LEU A 357 15.17 9.47 -3.58
CA LEU A 357 16.38 10.09 -3.07
C LEU A 357 17.13 10.80 -4.18
N ALA A 358 17.25 10.17 -5.34
CA ALA A 358 17.96 10.79 -6.45
C ALA A 358 17.34 12.13 -6.81
N TYR A 359 16.00 12.17 -6.94
CA TYR A 359 15.35 13.42 -7.33
C TYR A 359 15.43 14.46 -6.22
N GLN A 360 15.25 14.04 -4.96
CA GLN A 360 15.39 14.97 -3.84
C GLN A 360 16.77 15.63 -3.86
N GLN A 361 17.81 14.83 -4.08
CA GLN A 361 19.16 15.39 -4.14
C GLN A 361 19.33 16.28 -5.36
N THR A 362 18.85 15.85 -6.52
CA THR A 362 19.00 16.63 -7.74
C THR A 362 18.32 17.99 -7.66
N SER A 363 17.23 18.10 -6.91
CA SER A 363 16.61 19.40 -6.64
C SER A 363 17.18 20.06 -5.40
N ALA A 364 18.02 19.36 -4.63
CA ALA A 364 18.74 19.95 -3.51
C ALA A 364 19.99 20.64 -4.06
N PHE A 365 19.78 21.84 -4.60
CA PHE A 365 20.82 22.53 -5.36
C PHE A 365 22.06 22.75 -4.51
N ALA A 366 23.23 22.52 -5.12
CA ALA A 366 24.49 22.69 -4.42
C ALA A 366 25.01 24.11 -4.58
N ARG A 367 26.22 24.33 -4.06
CA ARG A 367 26.84 25.65 -4.14
C ARG A 367 27.41 25.94 -5.53
N GLN A 368 27.91 24.91 -6.21
CA GLN A 368 28.52 25.07 -7.52
C GLN A 368 28.00 23.98 -8.45
N PRO A 369 28.06 24.19 -9.77
CA PRO A 369 27.36 23.28 -10.69
C PRO A 369 28.03 21.93 -10.87
N ARG A 370 29.28 21.75 -10.48
CA ARG A 370 29.92 20.45 -10.64
C ARG A 370 29.16 19.38 -9.84
N ASP A 371 28.79 19.73 -8.60
CA ASP A 371 27.97 18.82 -7.82
C ASP A 371 26.64 18.55 -8.51
N GLU A 372 26.10 19.55 -9.22
CA GLU A 372 24.86 19.34 -9.94
C GLU A 372 25.03 18.32 -11.05
N LEU A 373 26.16 18.40 -11.77
CA LEU A 373 26.45 17.40 -12.80
C LEU A 373 26.56 16.01 -12.17
N GLU A 374 27.22 15.92 -11.02
CA GLU A 374 27.32 14.63 -10.34
C GLU A 374 25.95 14.10 -9.94
N ARG A 375 25.07 14.98 -9.46
CA ARG A 375 23.72 14.57 -9.09
C ARG A 375 22.95 14.06 -10.30
N VAL A 376 23.08 14.75 -11.44
CA VAL A 376 22.42 14.28 -12.65
C VAL A 376 22.94 12.92 -13.06
N ARG A 377 24.26 12.72 -12.94
CA ARG A 377 24.83 11.42 -13.25
C ARG A 377 24.25 10.33 -12.36
N VAL A 378 24.11 10.63 -11.06
CA VAL A 378 23.56 9.66 -10.14
C VAL A 378 22.12 9.32 -10.53
N SER A 379 21.32 10.33 -10.84
CA SER A 379 19.93 10.07 -11.23
C SER A 379 19.87 9.20 -12.48
N CYS A 380 20.69 9.52 -13.48
CA CYS A 380 20.67 8.77 -14.72
C CYS A 380 21.07 7.31 -14.49
N THR A 381 22.12 7.09 -13.70
CA THR A 381 22.54 5.70 -13.46
C THR A 381 21.49 4.93 -12.68
N ILE A 382 20.83 5.58 -11.71
CA ILE A 382 19.78 4.89 -10.98
C ILE A 382 18.63 4.50 -11.91
N ILE A 383 18.22 5.42 -12.79
CA ILE A 383 17.12 5.10 -13.71
C ILE A 383 17.51 3.96 -14.63
N PHE A 384 18.73 4.00 -15.17
CA PHE A 384 19.17 2.93 -16.05
C PHE A 384 19.17 1.59 -15.32
N LEU A 385 19.69 1.57 -14.09
CA LEU A 385 19.69 0.32 -13.34
C LEU A 385 18.26 -0.16 -13.10
N ALA A 386 17.34 0.75 -12.83
CA ALA A 386 15.96 0.36 -12.60
C ALA A 386 15.35 -0.32 -13.81
N SER A 387 15.55 0.26 -15.00
CA SER A 387 14.83 -0.20 -16.18
C SER A 387 15.54 -1.34 -16.93
N ILE A 388 16.87 -1.40 -16.87
CA ILE A 388 17.60 -2.42 -17.60
C ILE A 388 17.20 -3.80 -17.12
N PHE A 389 16.81 -3.91 -15.85
CA PHE A 389 16.42 -5.22 -15.33
C PHE A 389 15.02 -5.62 -15.78
N GLN A 390 14.11 -4.67 -16.02
CA GLN A 390 12.86 -5.02 -16.69
C GLN A 390 13.13 -5.54 -18.10
N LEU A 391 14.01 -4.85 -18.83
CA LEU A 391 14.37 -5.34 -20.16
C LEU A 391 15.00 -6.73 -20.08
N ALA A 392 15.87 -6.95 -19.09
CA ALA A 392 16.50 -8.24 -18.91
C ALA A 392 15.47 -9.32 -18.59
N MET A 393 14.47 -8.98 -17.79
CA MET A 393 13.41 -9.93 -17.48
C MET A 393 12.68 -10.35 -18.75
N TRP A 394 12.34 -9.38 -19.60
CA TRP A 394 11.63 -9.76 -20.82
C TRP A 394 12.52 -10.61 -21.73
N THR A 395 13.80 -10.26 -21.85
CA THR A 395 14.69 -11.07 -22.68
C THR A 395 14.85 -12.47 -22.11
N THR A 396 14.96 -12.61 -20.80
CA THR A 396 15.05 -13.93 -20.19
C THR A 396 13.80 -14.75 -20.48
N ALA A 397 12.63 -14.12 -20.39
CA ALA A 397 11.42 -14.84 -20.73
C ALA A 397 11.38 -15.21 -22.21
N LEU A 398 12.00 -14.40 -23.07
CA LEU A 398 12.02 -14.73 -24.49
C LEU A 398 12.73 -16.06 -24.74
N LEU A 399 13.69 -16.43 -23.89
CA LEU A 399 14.41 -17.68 -24.09
C LEU A 399 13.49 -18.88 -24.13
N HIS A 400 12.33 -18.80 -23.46
CA HIS A 400 11.35 -19.88 -23.48
C HIS A 400 9.98 -19.35 -23.86
N GLN A 401 9.95 -18.21 -24.57
CA GLN A 401 8.70 -17.69 -25.12
C GLN A 401 7.76 -18.77 -25.61
N ALA A 402 8.30 -19.83 -26.23
CA ALA A 402 7.44 -20.86 -26.81
C ALA A 402 6.43 -21.41 -25.81
N GLU A 403 6.66 -21.21 -24.51
CA GLU A 403 5.74 -21.67 -23.48
C GLU A 403 5.42 -20.57 -22.48
N THR A 404 6.31 -19.60 -22.34
CA THR A 404 6.21 -18.64 -21.24
C THR A 404 5.36 -17.43 -21.61
N LEU A 405 5.36 -17.01 -22.87
CA LEU A 405 4.75 -15.76 -23.28
C LEU A 405 3.51 -16.00 -24.12
N GLN A 406 2.69 -14.96 -24.23
CA GLN A 406 1.56 -15.01 -25.15
C GLN A 406 2.08 -15.05 -26.58
N PRO A 407 1.34 -15.64 -27.52
CA PRO A 407 1.84 -15.69 -28.90
C PRO A 407 2.11 -14.32 -29.49
N SER A 408 1.38 -13.30 -29.06
CA SER A 408 1.49 -11.98 -29.67
C SER A 408 2.86 -11.34 -29.46
N VAL A 409 3.67 -11.85 -28.55
CA VAL A 409 4.99 -11.29 -28.27
C VAL A 409 6.12 -12.20 -28.75
N TRP A 410 5.81 -13.40 -29.24
CA TRP A 410 6.84 -14.27 -29.76
C TRP A 410 7.64 -13.55 -30.85
N PHE A 411 8.79 -14.12 -31.18
CA PHE A 411 9.58 -13.59 -32.29
C PHE A 411 8.72 -13.59 -33.55
N GLY A 412 8.71 -12.45 -34.24
CA GLY A 412 7.82 -12.28 -35.37
C GLY A 412 6.36 -12.05 -35.01
N GLY A 413 6.07 -11.79 -33.74
CA GLY A 413 4.69 -11.57 -33.33
C GLY A 413 4.18 -10.21 -33.74
N ARG A 414 2.89 -9.99 -33.49
CA ARG A 414 2.25 -8.75 -33.89
C ARG A 414 2.69 -7.57 -33.04
N GLU A 415 3.27 -7.82 -31.86
CA GLU A 415 3.68 -6.74 -30.96
C GLU A 415 5.10 -6.94 -30.41
N HIS A 416 5.86 -7.87 -30.97
CA HIS A 416 7.20 -8.12 -30.45
C HIS A 416 8.08 -6.87 -30.54
N VAL A 417 8.08 -6.23 -31.71
CA VAL A 417 8.91 -5.05 -31.90
C VAL A 417 8.46 -3.93 -30.96
N LEU A 418 7.15 -3.73 -30.85
CA LEU A 418 6.65 -2.67 -29.97
C LEU A 418 7.03 -2.96 -28.52
N MET A 419 6.92 -4.22 -28.09
CA MET A 419 7.31 -4.57 -26.72
C MET A 419 8.79 -4.27 -26.48
N PHE A 420 9.65 -4.68 -27.42
CA PHE A 420 11.07 -4.43 -27.25
C PHE A 420 11.34 -2.94 -27.15
N ALA A 421 10.72 -2.14 -28.02
CA ALA A 421 10.95 -0.70 -27.98
C ALA A 421 10.46 -0.11 -26.66
N LYS A 422 9.27 -0.56 -26.21
CA LYS A 422 8.70 -0.02 -24.99
C LYS A 422 9.59 -0.30 -23.80
N LEU A 423 10.15 -1.51 -23.72
CA LEU A 423 11.01 -1.85 -22.60
C LEU A 423 12.40 -1.24 -22.72
N ALA A 424 12.87 -0.98 -23.94
CA ALA A 424 14.21 -0.43 -24.13
C ALA A 424 14.25 1.09 -24.06
N LEU A 425 13.09 1.76 -24.14
CA LEU A 425 13.08 3.22 -24.16
C LEU A 425 13.90 3.81 -23.01
N TYR A 426 13.51 3.53 -21.77
CA TYR A 426 14.13 4.20 -20.62
C TYR A 426 15.63 3.95 -20.53
N PRO A 427 16.10 2.72 -20.68
CA PRO A 427 17.55 2.50 -20.64
C PRO A 427 18.30 3.36 -21.65
N CYS A 428 17.76 3.49 -22.86
CA CYS A 428 18.44 4.30 -23.89
C CYS A 428 18.53 5.75 -23.47
N ALA A 429 17.40 6.33 -23.05
CA ALA A 429 17.39 7.74 -22.68
C ALA A 429 18.30 8.00 -21.49
N SER A 430 18.25 7.13 -20.48
CA SER A 430 19.11 7.31 -19.31
C SER A 430 20.58 7.21 -19.69
N LEU A 431 20.92 6.24 -20.55
CA LEU A 431 22.31 6.07 -20.96
C LEU A 431 22.80 7.28 -21.74
N LEU A 432 21.97 7.82 -22.63
CA LEU A 432 22.35 9.00 -23.39
C LEU A 432 22.51 10.21 -22.47
N ALA A 433 21.61 10.37 -21.51
CA ALA A 433 21.75 11.47 -20.56
C ALA A 433 23.05 11.35 -19.76
N PHE A 434 23.38 10.14 -19.35
CA PHE A 434 24.67 9.92 -18.68
C PHE A 434 25.80 10.35 -19.59
N ALA A 435 25.89 9.77 -20.79
CA ALA A 435 27.01 10.05 -21.68
C ALA A 435 27.12 11.54 -21.98
N SER A 436 26.00 12.26 -22.02
CA SER A 436 26.05 13.70 -22.28
C SER A 436 26.91 14.41 -21.24
N THR A 437 26.87 13.97 -19.99
CA THR A 437 27.68 14.61 -18.95
C THR A 437 29.17 14.58 -19.30
N CYS A 438 29.63 13.56 -20.01
CA CYS A 438 31.01 13.49 -20.46
C CYS A 438 31.21 14.23 -21.77
N LEU A 439 30.29 14.07 -22.71
CA LEU A 439 30.50 14.60 -24.06
C LEU A 439 30.06 16.06 -24.17
N LEU A 440 28.92 16.43 -23.58
CA LEU A 440 28.39 17.79 -23.65
C LEU A 440 28.07 18.30 -22.25
N SER A 441 29.05 18.23 -21.36
CA SER A 441 28.79 18.37 -19.92
C SER A 441 27.96 19.61 -19.59
N ARG A 442 28.39 20.78 -20.07
CA ARG A 442 27.79 22.02 -19.57
C ARG A 442 26.33 22.16 -19.97
N PHE A 443 25.86 21.36 -20.94
CA PHE A 443 24.44 21.34 -21.29
C PHE A 443 23.69 20.15 -20.71
N SER A 444 24.34 19.36 -19.86
CA SER A 444 23.78 18.07 -19.47
C SER A 444 22.60 18.21 -18.52
N VAL A 445 22.60 19.23 -17.66
CA VAL A 445 21.45 19.42 -16.78
C VAL A 445 20.22 19.74 -17.60
N GLY A 446 20.35 20.65 -18.57
CA GLY A 446 19.25 20.93 -19.46
C GLY A 446 18.83 19.72 -20.27
N ILE A 447 19.80 18.90 -20.67
CA ILE A 447 19.47 17.70 -21.43
C ILE A 447 18.69 16.73 -20.56
N PHE A 448 19.03 16.62 -19.27
CA PHE A 448 18.28 15.77 -18.36
C PHE A 448 16.84 16.27 -18.21
N HIS A 449 16.69 17.59 -18.03
CA HIS A 449 15.35 18.15 -17.95
C HIS A 449 14.57 17.86 -19.23
N LEU A 450 15.21 18.00 -20.39
CA LEU A 450 14.52 17.78 -21.65
C LEU A 450 14.17 16.29 -21.83
N MET A 451 15.02 15.40 -21.33
CA MET A 451 14.73 13.97 -21.40
C MET A 451 13.51 13.62 -20.56
N GLN A 452 13.40 14.25 -19.39
CA GLN A 452 12.21 14.03 -18.58
C GLN A 452 10.93 14.32 -19.34
N ILE A 453 10.92 15.33 -20.21
CA ILE A 453 9.75 15.62 -21.03
C ILE A 453 9.69 14.71 -22.26
N ALA A 454 10.85 14.26 -22.76
CA ALA A 454 10.86 13.47 -23.98
C ALA A 454 10.28 12.09 -23.76
N VAL A 455 10.66 11.43 -22.66
CA VAL A 455 10.28 10.03 -22.46
C VAL A 455 8.77 9.85 -22.42
N PRO A 456 8.01 10.60 -21.64
CA PRO A 456 6.55 10.38 -21.59
C PRO A 456 5.89 10.51 -22.96
N CYS A 457 6.28 11.51 -23.74
CA CYS A 457 5.70 11.68 -25.06
C CYS A 457 6.09 10.52 -25.97
N ALA A 458 7.32 10.04 -25.86
CA ALA A 458 7.73 8.88 -26.65
C ALA A 458 6.88 7.67 -26.31
N PHE A 459 6.59 7.46 -25.02
CA PHE A 459 5.69 6.37 -24.64
C PHE A 459 4.31 6.58 -25.24
N LEU A 460 3.80 7.82 -25.18
CA LEU A 460 2.45 8.08 -25.65
C LEU A 460 2.29 7.75 -27.13
N LEU A 461 3.29 8.10 -27.94
CA LEU A 461 3.22 7.92 -29.38
C LEU A 461 3.96 6.65 -29.85
N LEU A 462 4.29 5.75 -28.93
CA LEU A 462 5.23 4.67 -29.27
C LEU A 462 4.72 3.84 -30.44
N ARG A 463 3.43 3.50 -30.46
CA ARG A 463 2.92 2.68 -31.56
C ARG A 463 3.06 3.41 -32.89
N LEU A 464 2.70 4.69 -32.93
CA LEU A 464 2.80 5.46 -34.16
C LEU A 464 4.25 5.56 -34.64
N LEU A 465 5.17 5.86 -33.72
CA LEU A 465 6.57 5.99 -34.11
C LEU A 465 7.14 4.64 -34.57
N VAL A 466 6.74 3.55 -33.91
CA VAL A 466 7.20 2.24 -34.34
C VAL A 466 6.70 1.95 -35.76
N GLY A 467 5.42 2.23 -36.01
CA GLY A 467 4.89 2.04 -37.35
C GLY A 467 5.65 2.86 -38.38
N LEU A 468 5.93 4.11 -38.06
CA LEU A 468 6.65 4.99 -38.99
C LEU A 468 8.05 4.45 -39.27
N ALA A 469 8.78 4.10 -38.22
CA ALA A 469 10.15 3.63 -38.40
C ALA A 469 10.18 2.33 -39.21
N LEU A 470 9.28 1.41 -38.89
CA LEU A 470 9.23 0.15 -39.62
C LEU A 470 8.85 0.37 -41.08
N ALA A 471 7.91 1.28 -41.34
CA ALA A 471 7.56 1.59 -42.72
C ALA A 471 8.75 2.14 -43.48
N THR A 472 9.51 3.04 -42.85
CA THR A 472 10.68 3.60 -43.52
C THR A 472 11.74 2.53 -43.77
N LEU A 473 11.97 1.66 -42.80
CA LEU A 473 13.04 0.68 -42.91
C LEU A 473 12.64 -0.58 -43.66
N ARG A 474 11.36 -0.71 -44.04
CA ARG A 474 10.92 -1.91 -44.76
C ARG A 474 11.64 -2.08 -46.09
N VAL A 475 11.99 -0.98 -46.76
CA VAL A 475 12.54 -1.04 -48.11
C VAL A 475 13.97 -0.53 -48.11
N LEU A 476 14.67 -0.70 -46.99
CA LEU A 476 16.08 -0.34 -46.90
C LEU A 476 16.90 -1.54 -46.47
N ILE B 30 -5.59 -3.88 -26.99
CA ILE B 30 -6.76 -3.75 -26.06
C ILE B 30 -6.71 -4.89 -25.05
N GLN B 31 -6.53 -4.53 -23.77
CA GLN B 31 -6.27 -5.51 -22.73
C GLN B 31 -7.13 -5.21 -21.52
N CYS B 32 -7.21 -6.19 -20.62
CA CYS B 32 -8.02 -6.05 -19.42
C CYS B 32 -7.48 -4.93 -18.53
N SER B 33 -8.39 -4.23 -17.86
CA SER B 33 -8.02 -3.08 -17.03
C SER B 33 -7.85 -3.41 -15.56
N GLN B 34 -7.87 -4.69 -15.19
CA GLN B 34 -7.86 -5.06 -13.77
C GLN B 34 -6.65 -4.47 -13.05
N ARG B 35 -5.46 -4.68 -13.61
CA ARG B 35 -4.24 -4.33 -12.87
C ARG B 35 -4.09 -2.82 -12.70
N MET B 36 -4.47 -2.04 -13.72
CA MET B 36 -4.37 -0.60 -13.58
C MET B 36 -5.31 -0.09 -12.49
N LEU B 37 -6.50 -0.69 -12.37
CA LEU B 37 -7.40 -0.32 -11.29
C LEU B 37 -6.83 -0.74 -9.93
N SER B 38 -6.17 -1.89 -9.86
CA SER B 38 -5.53 -2.28 -8.61
C SER B 38 -4.45 -1.28 -8.20
N PHE B 39 -3.62 -0.86 -9.15
CA PHE B 39 -2.59 0.13 -8.86
C PHE B 39 -3.21 1.45 -8.42
N SER B 40 -4.28 1.87 -9.11
CA SER B 40 -4.95 3.10 -8.73
C SER B 40 -5.52 3.00 -7.32
N ASP B 41 -6.06 1.84 -6.96
CA ASP B 41 -6.59 1.65 -5.61
C ASP B 41 -5.49 1.73 -4.57
N ALA B 42 -4.31 1.15 -4.85
CA ALA B 42 -3.19 1.28 -3.92
C ALA B 42 -2.79 2.75 -3.75
N LEU B 43 -2.67 3.47 -4.85
CA LEU B 43 -2.32 4.89 -4.77
C LEU B 43 -3.37 5.65 -3.97
N LEU B 44 -4.65 5.36 -4.20
CA LEU B 44 -5.71 6.07 -3.51
C LEU B 44 -5.71 5.77 -2.02
N SER B 45 -5.43 4.51 -1.65
CA SER B 45 -5.31 4.20 -0.23
C SER B 45 -4.21 5.04 0.41
N ILE B 46 -3.04 5.08 -0.23
CA ILE B 46 -1.93 5.86 0.33
C ILE B 46 -2.33 7.32 0.48
N ILE B 47 -2.91 7.89 -0.58
CA ILE B 47 -3.24 9.31 -0.56
C ILE B 47 -4.29 9.59 0.51
N ALA B 48 -5.33 8.76 0.60
CA ALA B 48 -6.38 8.99 1.59
C ALA B 48 -5.82 8.93 3.00
N THR B 49 -4.94 7.96 3.28
CA THR B 49 -4.43 7.78 4.63
C THR B 49 -3.19 8.61 4.92
N VAL B 50 -2.73 9.45 3.98
CA VAL B 50 -1.52 10.23 4.21
C VAL B 50 -1.62 11.07 5.48
N MET B 51 -2.74 11.77 5.68
CA MET B 51 -2.81 12.76 6.75
C MET B 51 -2.93 12.14 8.13
N ILE B 52 -2.89 10.81 8.26
CA ILE B 52 -2.83 10.20 9.57
C ILE B 52 -1.46 10.38 10.20
N LEU B 53 -0.41 10.50 9.39
CA LEU B 53 0.95 10.54 9.92
C LEU B 53 1.14 11.70 10.90
N PRO B 54 0.72 12.92 10.60
CA PRO B 54 0.86 14.00 11.60
C PRO B 54 0.20 13.66 12.92
N VAL B 55 -0.91 12.94 12.90
CA VAL B 55 -1.60 12.61 14.14
C VAL B 55 -0.76 11.68 15.01
N THR B 56 -0.23 10.61 14.41
CA THR B 56 0.58 9.67 15.20
C THR B 56 1.95 10.25 15.51
N HIS B 57 2.47 11.13 14.64
CA HIS B 57 3.76 11.75 14.86
C HIS B 57 3.62 12.97 15.78
N THR B 58 2.50 13.08 16.47
CA THR B 58 2.20 14.25 17.27
C THR B 58 2.97 14.21 18.59
N GLU B 59 3.07 15.39 19.22
CA GLU B 59 3.65 15.50 20.56
C GLU B 59 2.66 14.95 21.59
N ILE B 60 2.79 13.66 21.86
CA ILE B 60 1.70 12.89 22.45
C ILE B 60 1.36 13.41 23.84
N SER B 61 2.30 13.31 24.78
CA SER B 61 1.95 13.55 26.17
C SER B 61 3.10 14.12 26.98
N PRO B 62 3.20 15.44 27.10
CA PRO B 62 4.10 16.02 28.10
C PRO B 62 3.40 16.16 29.44
N GLU B 63 4.15 15.92 30.50
CA GLU B 63 3.59 15.96 31.84
C GLU B 63 3.18 17.38 32.20
N GLN B 64 2.51 17.52 33.34
CA GLN B 64 2.01 18.78 33.87
C GLN B 64 0.88 19.36 33.03
N GLN B 65 0.29 18.56 32.14
CA GLN B 65 -0.94 18.91 31.44
C GLN B 65 -0.79 20.21 30.63
N PHE B 66 0.05 20.16 29.60
CA PHE B 66 0.04 21.19 28.57
C PHE B 66 -1.11 20.99 27.59
N ASP B 67 -2.09 20.15 27.95
CA ASP B 67 -3.24 19.87 27.10
C ASP B 67 -4.03 21.14 26.80
N ARG B 68 -4.20 22.01 27.80
CA ARG B 68 -5.04 23.19 27.63
C ARG B 68 -4.72 23.94 26.34
N SER B 69 -3.51 23.78 25.81
CA SER B 69 -3.13 24.38 24.55
C SER B 69 -2.74 23.37 23.47
N VAL B 70 -2.37 22.14 23.86
CA VAL B 70 -1.95 21.16 22.87
C VAL B 70 -3.16 20.49 22.23
N GLN B 71 -4.29 20.45 22.94
CA GLN B 71 -5.46 19.74 22.45
C GLN B 71 -6.09 20.44 21.26
N ARG B 72 -5.98 21.77 21.17
CA ARG B 72 -6.45 22.45 19.97
C ARG B 72 -5.69 21.97 18.74
N LEU B 73 -4.37 21.87 18.85
CA LEU B 73 -3.57 21.36 17.75
C LEU B 73 -3.96 19.94 17.40
N LEU B 74 -4.11 19.08 18.41
CA LEU B 74 -4.43 17.68 18.15
C LEU B 74 -5.80 17.56 17.47
N ALA B 75 -6.79 18.31 17.96
CA ALA B 75 -8.13 18.25 17.38
C ALA B 75 -8.12 18.77 15.96
N THR B 76 -7.37 19.84 15.70
CA THR B 76 -7.24 20.35 14.33
C THR B 76 -6.68 19.28 13.41
N ARG B 77 -5.64 18.59 13.87
CA ARG B 77 -5.04 17.54 13.04
C ARG B 77 -6.02 16.41 12.77
N ILE B 78 -6.77 16.00 13.79
CA ILE B 78 -7.74 14.91 13.58
C ILE B 78 -8.83 15.34 12.61
N ALA B 79 -9.32 16.57 12.74
CA ALA B 79 -10.35 17.05 11.83
C ALA B 79 -9.82 17.08 10.40
N VAL B 80 -8.59 17.56 10.22
CA VAL B 80 -8.00 17.59 8.88
C VAL B 80 -7.90 16.18 8.33
N TYR B 81 -7.48 15.23 9.17
CA TYR B 81 -7.39 13.85 8.71
C TYR B 81 -8.74 13.34 8.22
N LEU B 82 -9.79 13.54 9.01
CA LEU B 82 -11.10 13.03 8.63
C LEU B 82 -11.57 13.68 7.34
N MET B 83 -11.44 15.00 7.22
CA MET B 83 -11.92 15.69 6.04
C MET B 83 -11.16 15.22 4.79
N THR B 84 -9.84 15.12 4.89
CA THR B 84 -9.05 14.69 3.74
C THR B 84 -9.39 13.26 3.35
N PHE B 85 -9.57 12.37 4.33
CA PHE B 85 -9.93 11.00 4.02
C PHE B 85 -11.25 10.95 3.27
N LEU B 86 -12.24 11.71 3.74
CA LEU B 86 -13.55 11.69 3.07
C LEU B 86 -13.45 12.26 1.65
N ILE B 87 -12.68 13.33 1.47
CA ILE B 87 -12.53 13.90 0.13
C ILE B 87 -11.89 12.90 -0.82
N VAL B 88 -10.81 12.26 -0.37
CA VAL B 88 -10.13 11.30 -1.22
C VAL B 88 -11.00 10.09 -1.50
N THR B 89 -11.83 9.68 -0.53
CA THR B 89 -12.76 8.59 -0.77
C THR B 89 -13.79 8.97 -1.83
N VAL B 90 -14.27 10.21 -1.80
CA VAL B 90 -15.19 10.67 -2.84
C VAL B 90 -14.51 10.60 -4.21
N ALA B 91 -13.27 11.06 -4.28
CA ALA B 91 -12.53 10.99 -5.54
C ALA B 91 -12.37 9.55 -6.00
N TRP B 92 -12.07 8.64 -5.07
CA TRP B 92 -11.93 7.24 -5.43
C TRP B 92 -13.24 6.66 -5.95
N ALA B 93 -14.36 7.03 -5.34
CA ALA B 93 -15.65 6.55 -5.82
C ALA B 93 -15.93 7.05 -7.22
N ALA B 94 -15.62 8.31 -7.49
CA ALA B 94 -15.77 8.83 -8.85
C ALA B 94 -14.92 8.05 -9.82
N HIS B 95 -13.67 7.74 -9.44
CA HIS B 95 -12.80 6.95 -10.31
C HIS B 95 -13.37 5.56 -10.55
N THR B 96 -13.90 4.93 -9.50
CA THR B 96 -14.46 3.59 -9.65
C THR B 96 -15.62 3.59 -10.62
N ARG B 97 -16.52 4.57 -10.51
CA ARG B 97 -17.62 4.64 -11.47
C ARG B 97 -17.11 4.91 -12.88
N LEU B 98 -16.15 5.82 -13.03
CA LEU B 98 -15.64 6.16 -14.34
C LEU B 98 -15.07 4.93 -15.04
N PHE B 99 -14.29 4.13 -14.33
CA PHE B 99 -13.71 2.95 -14.94
C PHE B 99 -14.61 1.73 -14.82
N GLN B 100 -15.77 1.87 -14.20
CA GLN B 100 -16.86 0.92 -14.38
C GLN B 100 -17.56 1.09 -15.72
N VAL B 101 -17.79 2.33 -16.15
CA VAL B 101 -18.37 2.52 -17.48
C VAL B 101 -17.34 2.15 -18.56
N VAL B 102 -16.07 2.49 -18.35
CA VAL B 102 -15.00 2.10 -19.27
C VAL B 102 -14.59 0.67 -18.93
N GLY B 103 -14.67 -0.21 -19.92
CA GLY B 103 -14.43 -1.63 -19.67
C GLY B 103 -12.98 -2.05 -19.85
N LYS B 104 -12.41 -1.76 -21.02
CA LYS B 104 -11.06 -2.17 -21.34
C LYS B 104 -10.09 -1.00 -21.21
N THR B 105 -8.81 -1.28 -21.43
CA THR B 105 -7.77 -0.28 -21.33
C THR B 105 -6.75 -0.47 -22.46
N ASP B 106 -6.03 0.60 -22.76
CA ASP B 106 -4.98 0.57 -23.77
C ASP B 106 -3.84 1.48 -23.29
N ASP B 107 -2.81 1.59 -24.12
CA ASP B 107 -1.62 2.34 -23.72
C ASP B 107 -1.96 3.78 -23.37
N THR B 108 -2.91 4.39 -24.08
CA THR B 108 -3.28 5.77 -23.82
C THR B 108 -4.06 5.93 -22.52
N LEU B 109 -4.99 5.01 -22.26
CA LEU B 109 -5.80 5.12 -21.06
C LEU B 109 -4.96 4.95 -19.80
N ALA B 110 -3.92 4.10 -19.87
CA ALA B 110 -3.05 3.94 -18.72
C ALA B 110 -2.35 5.25 -18.38
N LEU B 111 -1.84 5.96 -19.38
CA LEU B 111 -1.17 7.22 -19.12
C LEU B 111 -2.15 8.28 -18.63
N LEU B 112 -3.35 8.31 -19.21
CA LEU B 112 -4.36 9.25 -18.73
C LEU B 112 -4.72 8.97 -17.28
N ASN B 113 -4.85 7.70 -16.92
CA ASN B 113 -5.14 7.34 -15.53
C ASN B 113 -3.99 7.74 -14.61
N LEU B 114 -2.76 7.59 -15.09
CA LEU B 114 -1.61 8.04 -14.30
C LEU B 114 -1.68 9.54 -14.05
N ALA B 115 -2.04 10.31 -15.07
CA ALA B 115 -2.20 11.75 -14.89
C ALA B 115 -3.29 12.05 -13.87
N CYS B 116 -4.41 11.33 -13.96
CA CYS B 116 -5.50 11.54 -13.00
C CYS B 116 -5.05 11.24 -11.58
N MET B 117 -4.29 10.16 -11.40
CA MET B 117 -3.79 9.82 -10.07
C MET B 117 -2.83 10.88 -9.56
N MET B 118 -1.94 11.36 -10.43
CA MET B 118 -0.97 12.38 -10.01
C MET B 118 -1.70 13.63 -9.55
N THR B 119 -2.71 14.07 -10.31
CA THR B 119 -3.45 15.26 -9.89
C THR B 119 -4.27 15.01 -8.62
N ILE B 120 -4.75 13.78 -8.43
CA ILE B 120 -5.47 13.48 -7.20
C ILE B 120 -4.55 13.56 -5.99
N THR B 121 -3.28 13.20 -6.16
CA THR B 121 -2.39 13.09 -5.00
C THR B 121 -2.22 14.42 -4.27
N PHE B 122 -2.57 15.54 -4.89
CA PHE B 122 -2.37 16.85 -4.27
C PHE B 122 -3.49 17.28 -3.35
N LEU B 123 -4.64 16.60 -3.37
CA LEU B 123 -5.78 17.04 -2.58
C LEU B 123 -5.47 17.21 -1.10
N PRO B 124 -4.80 16.27 -0.43
CA PRO B 124 -4.53 16.47 1.01
C PRO B 124 -3.74 17.72 1.31
N TYR B 125 -2.63 17.95 0.60
CA TYR B 125 -1.82 19.12 0.89
C TYR B 125 -2.59 20.41 0.63
N THR B 126 -3.31 20.47 -0.48
CA THR B 126 -4.05 21.69 -0.80
C THR B 126 -5.15 21.95 0.21
N PHE B 127 -5.86 20.90 0.64
CA PHE B 127 -6.89 21.08 1.65
C PHE B 127 -6.29 21.55 2.96
N SER B 128 -5.15 20.97 3.36
CA SER B 128 -4.49 21.40 4.58
C SER B 128 -4.05 22.85 4.49
N LEU B 129 -3.51 23.25 3.34
CA LEU B 129 -3.12 24.64 3.14
C LEU B 129 -4.33 25.56 3.24
N MET B 130 -5.45 25.16 2.63
CA MET B 130 -6.66 25.98 2.69
C MET B 130 -7.12 26.16 4.12
N VAL B 131 -7.22 25.07 4.87
CA VAL B 131 -7.68 25.16 6.25
C VAL B 131 -6.68 25.94 7.10
N THR B 132 -5.40 25.91 6.74
CA THR B 132 -4.40 26.63 7.51
C THR B 132 -4.52 28.13 7.31
N PHE B 133 -4.89 28.57 6.11
CA PHE B 133 -4.97 29.99 5.78
C PHE B 133 -6.32 30.27 5.12
N PRO B 134 -7.41 30.17 5.88
CA PRO B 134 -8.74 30.39 5.30
C PRO B 134 -8.95 31.81 4.77
N ASP B 135 -8.33 32.81 5.38
CA ASP B 135 -8.53 34.19 4.94
C ASP B 135 -7.88 34.45 3.60
N VAL B 136 -6.72 33.86 3.36
CA VAL B 136 -6.02 34.09 2.09
C VAL B 136 -6.72 33.32 0.97
N PRO B 137 -7.12 33.99 -0.12
CA PRO B 137 -7.86 33.26 -1.17
C PRO B 137 -6.99 32.27 -1.95
N LEU B 138 -5.68 32.32 -1.78
CA LEU B 138 -4.80 31.46 -2.56
C LEU B 138 -5.09 29.98 -2.31
N GLY B 139 -5.32 29.60 -1.05
CA GLY B 139 -5.57 28.20 -0.75
C GLY B 139 -6.85 27.69 -1.37
N ILE B 140 -7.93 28.46 -1.26
CA ILE B 140 -9.20 28.06 -1.86
C ILE B 140 -9.04 27.98 -3.37
N PHE B 141 -8.33 28.93 -3.96
CA PHE B 141 -8.11 28.89 -5.40
C PHE B 141 -7.35 27.63 -5.81
N LEU B 142 -6.33 27.27 -5.03
CA LEU B 142 -5.55 26.08 -5.36
C LEU B 142 -6.40 24.81 -5.25
N PHE B 143 -7.25 24.73 -4.22
CA PHE B 143 -8.13 23.57 -4.10
C PHE B 143 -9.07 23.49 -5.29
N CYS B 144 -9.64 24.62 -5.69
CA CYS B 144 -10.51 24.63 -6.86
C CYS B 144 -9.74 24.21 -8.11
N VAL B 145 -8.49 24.64 -8.23
CA VAL B 145 -7.66 24.24 -9.37
C VAL B 145 -7.49 22.73 -9.40
N CYS B 146 -7.20 22.14 -8.24
CA CYS B 146 -7.01 20.69 -8.19
C CYS B 146 -8.29 19.96 -8.61
N VAL B 147 -9.43 20.39 -8.08
CA VAL B 147 -10.69 19.74 -8.42
C VAL B 147 -10.97 19.86 -9.92
N ILE B 148 -10.74 21.05 -10.47
CA ILE B 148 -10.98 21.26 -11.89
C ILE B 148 -10.07 20.39 -12.73
N ALA B 149 -8.81 20.23 -12.29
CA ALA B 149 -7.88 19.39 -13.03
C ALA B 149 -8.35 17.93 -13.02
N ILE B 150 -8.79 17.44 -11.87
CA ILE B 150 -9.29 16.07 -11.81
C ILE B 150 -10.47 15.90 -12.76
N GLY B 151 -11.39 16.86 -12.73
CA GLY B 151 -12.55 16.78 -13.61
C GLY B 151 -12.17 16.79 -15.08
N VAL B 152 -11.21 17.64 -15.44
CA VAL B 152 -10.80 17.76 -16.84
C VAL B 152 -10.17 16.46 -17.32
N VAL B 153 -9.31 15.86 -16.49
CA VAL B 153 -8.64 14.63 -16.90
C VAL B 153 -9.66 13.50 -17.03
N GLN B 154 -10.62 13.41 -16.10
CA GLN B 154 -11.65 12.40 -16.23
C GLN B 154 -12.50 12.63 -17.47
N ALA B 155 -12.78 13.89 -17.82
CA ALA B 155 -13.50 14.17 -19.06
C ALA B 155 -12.71 13.74 -20.27
N LEU B 156 -11.39 13.95 -20.26
CA LEU B 156 -10.56 13.48 -21.36
C LEU B 156 -10.63 11.97 -21.49
N ILE B 157 -10.57 11.25 -20.36
CA ILE B 157 -10.68 9.80 -20.41
C ILE B 157 -12.02 9.39 -21.00
N VAL B 158 -13.10 10.05 -20.57
CA VAL B 158 -14.43 9.72 -21.07
C VAL B 158 -14.50 9.94 -22.58
N GLY B 159 -13.98 11.07 -23.05
CA GLY B 159 -14.00 11.35 -24.48
C GLY B 159 -13.20 10.33 -25.26
N TYR B 160 -12.00 9.98 -24.78
CA TYR B 160 -11.19 8.99 -25.47
C TYR B 160 -11.90 7.65 -25.53
N ALA B 161 -12.53 7.24 -24.43
CA ALA B 161 -13.23 5.96 -24.41
C ALA B 161 -14.37 5.96 -25.41
N PHE B 162 -15.21 7.00 -25.40
CA PHE B 162 -16.36 7.01 -26.30
C PHE B 162 -16.00 7.29 -27.75
N HIS B 163 -14.80 7.79 -28.02
CA HIS B 163 -14.36 7.93 -29.40
C HIS B 163 -13.97 6.60 -30.02
N PHE B 164 -13.67 5.60 -29.20
CA PHE B 164 -13.32 4.26 -29.65
C PHE B 164 -14.29 3.28 -29.00
N PRO B 165 -15.37 2.92 -29.72
CA PRO B 165 -16.44 2.14 -29.06
C PRO B 165 -15.99 0.86 -28.38
N HIS B 166 -15.00 0.16 -28.93
CA HIS B 166 -14.68 -1.17 -28.43
C HIS B 166 -14.13 -1.17 -27.02
N LEU B 167 -13.76 -0.01 -26.47
CA LEU B 167 -13.22 0.05 -25.12
C LEU B 167 -14.31 0.07 -24.05
N LEU B 168 -15.49 0.60 -24.35
CA LEU B 168 -16.55 0.67 -23.37
C LEU B 168 -16.94 -0.73 -22.90
N SER B 169 -17.72 -0.78 -21.83
CA SER B 169 -18.20 -2.05 -21.33
C SER B 169 -19.18 -2.65 -22.33
N PRO B 170 -19.36 -3.97 -22.32
CA PRO B 170 -20.24 -4.58 -23.33
C PRO B 170 -21.65 -4.00 -23.33
N GLN B 171 -22.19 -3.70 -22.16
CA GLN B 171 -23.57 -3.20 -22.09
C GLN B 171 -23.71 -1.87 -22.81
N ILE B 172 -22.77 -0.95 -22.57
CA ILE B 172 -22.88 0.38 -23.15
C ILE B 172 -22.76 0.32 -24.67
N GLN B 173 -21.75 -0.39 -25.17
CA GLN B 173 -21.56 -0.45 -26.61
C GLN B 173 -22.57 -1.34 -27.31
N ARG B 174 -23.30 -2.18 -26.57
CA ARG B 174 -24.43 -2.89 -27.17
C ARG B 174 -25.63 -1.96 -27.32
N SER B 175 -25.79 -1.02 -26.41
CA SER B 175 -26.96 -0.16 -26.41
C SER B 175 -26.90 0.84 -27.56
N ALA B 176 -28.08 1.29 -27.99
CA ALA B 176 -28.19 2.29 -29.04
C ALA B 176 -28.30 3.71 -28.50
N HIS B 177 -28.45 3.87 -27.18
CA HIS B 177 -28.53 5.19 -26.57
C HIS B 177 -27.18 5.72 -26.11
N ARG B 178 -26.09 5.01 -26.46
CA ARG B 178 -24.74 5.42 -26.10
C ARG B 178 -24.49 6.90 -26.37
N ALA B 179 -25.17 7.47 -27.35
CA ALA B 179 -24.99 8.89 -27.64
C ALA B 179 -25.37 9.75 -26.45
N LEU B 180 -26.46 9.42 -25.76
CA LEU B 180 -26.83 10.17 -24.56
C LEU B 180 -25.83 9.92 -23.43
N TYR B 181 -25.37 8.68 -23.28
CA TYR B 181 -24.45 8.36 -22.19
C TYR B 181 -23.12 9.11 -22.34
N ARG B 182 -22.67 9.31 -23.59
CA ARG B 182 -21.45 10.04 -23.85
C ARG B 182 -21.48 11.44 -23.22
N ARG B 183 -22.66 12.03 -23.08
CA ARG B 183 -22.82 13.30 -22.40
C ARG B 183 -23.20 13.13 -20.94
N HIS B 184 -23.93 12.06 -20.62
CA HIS B 184 -24.38 11.83 -19.26
C HIS B 184 -23.21 11.62 -18.31
N VAL B 185 -22.30 10.71 -18.66
CA VAL B 185 -21.16 10.44 -17.78
C VAL B 185 -20.29 11.68 -17.68
N LEU B 186 -20.16 12.44 -18.77
CA LEU B 186 -19.40 13.68 -18.73
C LEU B 186 -20.02 14.64 -17.73
N GLY B 187 -21.36 14.76 -17.75
CA GLY B 187 -22.04 15.57 -16.76
C GLY B 187 -21.82 15.11 -15.34
N ILE B 188 -21.78 13.80 -15.12
CA ILE B 188 -21.50 13.30 -13.77
C ILE B 188 -20.09 13.70 -13.33
N VAL B 189 -19.10 13.50 -14.20
CA VAL B 189 -17.71 13.61 -13.76
C VAL B 189 -17.22 15.05 -13.68
N LEU B 190 -17.81 15.97 -14.43
CA LEU B 190 -17.37 17.36 -14.40
C LEU B 190 -17.54 17.96 -13.01
N ASP B 251 -30.30 7.09 -4.75
CA ASP B 251 -28.99 6.74 -5.27
C ASP B 251 -28.41 5.51 -4.56
N LEU B 252 -29.00 5.16 -3.42
CA LEU B 252 -28.41 4.13 -2.56
C LEU B 252 -28.44 2.75 -3.20
N HIS B 253 -29.33 2.51 -4.16
CA HIS B 253 -29.45 1.20 -4.79
C HIS B 253 -28.48 0.99 -5.94
N GLU B 254 -27.69 1.99 -6.31
CA GLU B 254 -26.80 1.84 -7.44
C GLU B 254 -25.65 0.90 -7.08
N PRO B 255 -25.13 0.13 -8.04
CA PRO B 255 -24.04 -0.81 -7.72
C PRO B 255 -22.69 -0.13 -7.70
N LEU B 256 -21.81 -0.61 -6.83
CA LEU B 256 -20.39 -0.30 -6.88
C LEU B 256 -19.61 -1.53 -7.34
N SER B 257 -18.35 -1.30 -7.70
CA SER B 257 -17.46 -2.40 -8.05
C SER B 257 -17.02 -3.09 -6.76
N LYS B 258 -17.43 -4.35 -6.58
CA LYS B 258 -17.06 -5.10 -5.39
C LYS B 258 -15.54 -5.28 -5.33
N GLU B 259 -14.92 -5.53 -6.48
CA GLU B 259 -13.49 -5.77 -6.50
C GLU B 259 -12.72 -4.54 -6.03
N ARG B 260 -13.14 -3.36 -6.48
CA ARG B 260 -12.43 -2.15 -6.09
C ARG B 260 -12.69 -1.77 -4.64
N VAL B 261 -13.89 -2.05 -4.14
CA VAL B 261 -14.14 -1.87 -2.70
C VAL B 261 -13.19 -2.74 -1.91
N GLU B 262 -13.05 -4.01 -2.29
CA GLU B 262 -12.13 -4.91 -1.60
C GLU B 262 -10.71 -4.39 -1.66
N ALA B 263 -10.27 -3.95 -2.84
CA ALA B 263 -8.89 -3.49 -2.99
C ALA B 263 -8.61 -2.26 -2.13
N PHE B 264 -9.50 -1.27 -2.19
CA PHE B 264 -9.29 -0.05 -1.40
C PHE B 264 -9.33 -0.35 0.09
N SER B 265 -10.26 -1.19 0.53
CA SER B 265 -10.34 -1.54 1.94
C SER B 265 -9.08 -2.26 2.39
N ASP B 266 -8.58 -3.19 1.56
CA ASP B 266 -7.34 -3.89 1.90
C ASP B 266 -6.17 -2.92 2.00
N GLY B 267 -6.08 -1.98 1.07
CA GLY B 267 -5.02 -1.00 1.13
C GLY B 267 -5.05 -0.21 2.42
N VAL B 268 -6.24 0.29 2.79
CA VAL B 268 -6.35 1.10 4.00
C VAL B 268 -6.03 0.27 5.24
N TYR B 269 -6.56 -0.95 5.30
CA TYR B 269 -6.30 -1.80 6.46
C TYR B 269 -4.82 -2.10 6.59
N ALA B 270 -4.15 -2.42 5.48
CA ALA B 270 -2.72 -2.71 5.53
C ALA B 270 -1.93 -1.49 5.95
N ILE B 271 -2.29 -0.31 5.44
CA ILE B 271 -1.56 0.89 5.81
C ILE B 271 -1.72 1.17 7.30
N VAL B 272 -2.93 1.02 7.82
CA VAL B 272 -3.18 1.35 9.22
C VAL B 272 -2.54 0.33 10.15
N ALA B 273 -2.62 -0.96 9.79
CA ALA B 273 -2.14 -2.00 10.70
C ALA B 273 -0.65 -1.84 10.97
N THR B 274 0.15 -1.60 9.93
CA THR B 274 1.58 -1.40 10.09
C THR B 274 1.95 0.07 10.26
N LEU B 275 1.06 0.88 10.79
CA LEU B 275 1.28 2.32 10.80
C LEU B 275 2.41 2.72 11.74
N LEU B 276 2.39 2.21 12.98
CA LEU B 276 3.31 2.66 14.00
C LEU B 276 4.46 1.68 14.23
N ILE B 277 4.74 0.81 13.26
CA ILE B 277 6.03 0.14 13.19
C ILE B 277 7.00 0.95 12.34
N LEU B 278 6.49 1.78 11.41
CA LEU B 278 7.34 2.63 10.61
C LEU B 278 8.15 3.57 11.49
N ASP B 279 7.48 4.24 12.44
CA ASP B 279 8.19 5.17 13.31
C ASP B 279 9.11 4.43 14.28
N ILE B 280 8.72 3.24 14.73
CA ILE B 280 9.59 2.44 15.57
C ILE B 280 10.90 2.17 14.85
N CYS B 281 10.82 1.76 13.59
CA CYS B 281 12.03 1.54 12.80
C CYS B 281 12.78 2.85 12.58
N GLU B 282 12.04 3.94 12.35
CA GLU B 282 12.67 5.21 12.01
C GLU B 282 13.53 5.73 13.16
N ASP B 283 13.01 5.71 14.39
CA ASP B 283 13.63 6.43 15.49
C ASP B 283 13.84 5.63 16.76
N ASN B 284 13.50 4.34 16.79
CA ASN B 284 13.50 3.59 18.05
C ASN B 284 14.62 2.57 18.14
N VAL B 285 15.59 2.60 17.24
CA VAL B 285 16.75 1.71 17.39
C VAL B 285 17.72 2.33 18.39
N PRO B 286 18.19 1.60 19.40
CA PRO B 286 19.07 2.21 20.41
C PRO B 286 20.31 2.81 19.79
N ASP B 287 20.54 4.09 20.08
CA ASP B 287 21.77 4.74 19.67
C ASP B 287 22.93 4.24 20.51
N PRO B 288 24.09 3.94 19.91
CA PRO B 288 25.23 3.49 20.72
C PRO B 288 25.56 4.41 21.88
N LYS B 289 25.60 5.72 21.63
CA LYS B 289 25.88 6.66 22.71
C LYS B 289 24.75 6.67 23.73
N ASP B 290 23.50 6.56 23.25
CA ASP B 290 22.37 6.52 24.17
C ASP B 290 22.51 5.41 25.19
N VAL B 291 22.78 4.19 24.71
CA VAL B 291 22.96 3.07 25.63
C VAL B 291 24.23 3.26 26.45
N LYS B 292 25.27 3.83 25.86
CA LYS B 292 26.54 3.98 26.57
C LYS B 292 26.40 4.89 27.79
N GLU B 293 25.69 6.02 27.63
CA GLU B 293 25.57 6.98 28.72
C GLU B 293 24.47 6.61 29.70
N ARG B 294 23.22 6.57 29.24
CA ARG B 294 22.11 6.33 30.15
C ARG B 294 22.15 4.92 30.72
N PHE B 295 22.35 3.92 29.87
CA PHE B 295 22.25 2.53 30.25
C PHE B 295 23.61 1.85 30.44
N SER B 296 24.68 2.64 30.47
CA SER B 296 26.03 2.13 30.75
C SER B 296 26.43 0.98 29.82
N GLY B 297 25.93 0.99 28.59
CA GLY B 297 26.25 -0.03 27.62
C GLY B 297 25.37 -1.26 27.67
N SER B 298 24.48 -1.36 28.66
CA SER B 298 23.56 -2.49 28.78
C SER B 298 22.49 -2.33 27.72
N LEU B 299 22.69 -2.96 26.56
CA LEU B 299 21.74 -2.83 25.46
C LEU B 299 20.36 -3.34 25.87
N VAL B 300 20.31 -4.35 26.73
CA VAL B 300 19.03 -4.91 27.13
C VAL B 300 18.21 -3.87 27.89
N ALA B 301 18.86 -3.11 28.77
CA ALA B 301 18.16 -2.07 29.50
C ALA B 301 17.61 -1.01 28.55
N ALA B 302 18.42 -0.58 27.59
CA ALA B 302 17.96 0.40 26.62
C ALA B 302 16.78 -0.13 25.83
N LEU B 303 16.84 -1.39 25.42
CA LEU B 303 15.73 -1.99 24.68
C LEU B 303 14.47 -2.02 25.52
N SER B 304 14.59 -2.48 26.77
CA SER B 304 13.41 -2.58 27.63
C SER B 304 12.85 -1.21 27.96
N ALA B 305 13.67 -0.16 27.87
CA ALA B 305 13.16 1.19 28.10
C ALA B 305 12.06 1.56 27.13
N THR B 306 12.00 0.90 25.97
CA THR B 306 11.03 1.23 24.92
C THR B 306 9.92 0.19 24.78
N GLY B 307 9.65 -0.59 25.82
CA GLY B 307 8.63 -1.62 25.75
C GLY B 307 7.25 -1.10 25.40
N PRO B 308 6.83 0.03 25.98
CA PRO B 308 5.46 0.49 25.75
C PRO B 308 5.10 0.66 24.29
N ARG B 309 6.01 1.19 23.47
CA ARG B 309 5.66 1.40 22.07
C ARG B 309 5.55 0.08 21.32
N PHE B 310 6.42 -0.89 21.64
CA PHE B 310 6.29 -2.21 21.05
C PHE B 310 4.95 -2.83 21.41
N LEU B 311 4.56 -2.73 22.69
CA LEU B 311 3.27 -3.29 23.10
C LEU B 311 2.12 -2.61 22.38
N ALA B 312 2.20 -1.29 22.22
CA ALA B 312 1.16 -0.57 21.48
C ALA B 312 1.08 -1.07 20.04
N TYR B 313 2.23 -1.28 19.40
CA TYR B 313 2.22 -1.81 18.03
C TYR B 313 1.59 -3.19 17.98
N PHE B 314 1.93 -4.05 18.94
CA PHE B 314 1.34 -5.38 18.97
C PHE B 314 -0.18 -5.29 19.02
N GLY B 315 -0.70 -4.52 19.98
CA GLY B 315 -2.14 -4.40 20.11
C GLY B 315 -2.80 -3.82 18.88
N SER B 316 -2.20 -2.77 18.32
CA SER B 316 -2.77 -2.13 17.14
C SER B 316 -2.84 -3.11 15.96
N PHE B 317 -1.74 -3.81 15.70
CA PHE B 317 -1.74 -4.75 14.58
C PHE B 317 -2.77 -5.85 14.80
N ALA B 318 -2.84 -6.39 16.01
CA ALA B 318 -3.81 -7.46 16.27
C ALA B 318 -5.23 -6.97 16.02
N THR B 319 -5.58 -5.81 16.57
CA THR B 319 -6.95 -5.32 16.42
C THR B 319 -7.28 -5.06 14.96
N VAL B 320 -6.36 -4.40 14.24
CA VAL B 320 -6.66 -4.04 12.85
C VAL B 320 -6.72 -5.29 11.98
N GLY B 321 -5.85 -6.26 12.23
CA GLY B 321 -5.90 -7.50 11.48
C GLY B 321 -7.20 -8.25 11.70
N LEU B 322 -7.69 -8.29 12.94
CA LEU B 322 -8.95 -8.97 13.19
C LEU B 322 -10.13 -8.23 12.58
N LEU B 323 -10.10 -6.88 12.58
CA LEU B 323 -11.14 -6.14 11.88
C LEU B 323 -11.11 -6.45 10.40
N TRP B 324 -9.92 -6.52 9.80
CA TRP B 324 -9.83 -6.90 8.38
C TRP B 324 -10.36 -8.30 8.17
N PHE B 325 -10.10 -9.20 9.11
CA PHE B 325 -10.60 -10.56 8.98
C PHE B 325 -12.11 -10.58 8.94
N ALA B 326 -12.75 -9.80 9.82
CA ALA B 326 -14.21 -9.70 9.79
C ALA B 326 -14.68 -9.15 8.45
N HIS B 327 -14.02 -8.10 7.96
CA HIS B 327 -14.40 -7.51 6.67
C HIS B 327 -14.28 -8.54 5.55
N HIS B 328 -13.18 -9.30 5.55
CA HIS B 328 -12.93 -10.29 4.50
C HIS B 328 -13.97 -11.40 4.54
N SER B 329 -14.29 -11.90 5.74
CA SER B 329 -15.31 -12.92 5.87
C SER B 329 -16.65 -12.40 5.37
N LEU B 330 -16.99 -11.16 5.72
CA LEU B 330 -18.25 -10.59 5.24
C LEU B 330 -18.27 -10.54 3.72
N PHE B 331 -17.23 -9.96 3.11
CA PHE B 331 -17.27 -9.71 1.68
C PHE B 331 -17.02 -10.95 0.83
N LEU B 332 -16.60 -12.07 1.43
CA LEU B 332 -16.58 -13.31 0.67
C LEU B 332 -17.98 -13.78 0.30
N HIS B 333 -19.02 -13.22 0.92
CA HIS B 333 -20.39 -13.67 0.73
C HIS B 333 -21.29 -12.64 0.06
N VAL B 334 -20.72 -11.67 -0.64
CA VAL B 334 -21.49 -10.59 -1.27
C VAL B 334 -21.47 -10.79 -2.77
N ARG B 335 -22.65 -10.71 -3.39
CA ARG B 335 -22.74 -10.80 -4.85
C ARG B 335 -22.58 -9.41 -5.49
N LYS B 336 -23.21 -8.40 -4.91
CA LYS B 336 -23.16 -7.04 -5.45
C LYS B 336 -23.07 -6.06 -4.30
N ALA B 337 -22.35 -4.97 -4.51
CA ALA B 337 -22.14 -3.94 -3.50
C ALA B 337 -22.88 -2.67 -3.91
N THR B 338 -23.66 -2.11 -3.00
CA THR B 338 -24.46 -0.93 -3.27
C THR B 338 -23.78 0.31 -2.69
N ARG B 339 -24.31 1.48 -3.07
CA ARG B 339 -23.71 2.74 -2.62
C ARG B 339 -23.88 2.93 -1.12
N ALA B 340 -24.99 2.46 -0.55
CA ALA B 340 -25.14 2.52 0.91
C ALA B 340 -24.06 1.70 1.59
N MET B 341 -23.78 0.51 1.08
CA MET B 341 -22.70 -0.31 1.62
C MET B 341 -21.37 0.41 1.48
N GLY B 342 -21.15 1.09 0.35
CA GLY B 342 -19.93 1.84 0.18
C GLY B 342 -19.78 2.96 1.19
N LEU B 343 -20.86 3.70 1.46
CA LEU B 343 -20.80 4.76 2.45
C LEU B 343 -20.51 4.21 3.84
N LEU B 344 -21.18 3.12 4.20
CA LEU B 344 -20.93 2.52 5.51
C LEU B 344 -19.49 2.01 5.61
N ASN B 345 -18.97 1.44 4.52
CA ASN B 345 -17.58 1.00 4.50
C ASN B 345 -16.63 2.19 4.67
N THR B 346 -16.94 3.31 4.02
CA THR B 346 -16.11 4.49 4.17
C THR B 346 -16.08 4.96 5.63
N LEU B 347 -17.25 4.99 6.27
CA LEU B 347 -17.27 5.37 7.68
C LEU B 347 -16.46 4.40 8.53
N SER B 348 -16.61 3.09 8.25
CA SER B 348 -15.88 2.08 9.00
C SER B 348 -14.37 2.30 8.87
N LEU B 349 -13.89 2.53 7.65
CA LEU B 349 -12.47 2.74 7.44
C LEU B 349 -11.99 4.03 8.12
N ALA B 350 -12.79 5.09 8.01
CA ALA B 350 -12.40 6.35 8.63
C ALA B 350 -12.22 6.18 10.13
N PHE B 351 -13.12 5.45 10.77
CA PHE B 351 -12.97 5.23 12.21
C PHE B 351 -11.90 4.20 12.54
N VAL B 352 -11.65 3.25 11.62
CA VAL B 352 -10.56 2.31 11.83
C VAL B 352 -9.23 3.04 11.88
N GLY B 353 -9.09 4.08 11.06
CA GLY B 353 -7.83 4.79 10.97
C GLY B 353 -7.31 5.30 12.31
N GLY B 354 -8.20 5.55 13.27
CA GLY B 354 -7.77 6.12 14.53
C GLY B 354 -7.20 5.15 15.55
N LEU B 355 -7.26 3.85 15.28
CA LEU B 355 -6.80 2.88 16.27
C LEU B 355 -5.34 3.05 16.65
N PRO B 356 -4.40 3.25 15.73
CA PRO B 356 -3.00 3.43 16.14
C PRO B 356 -2.81 4.55 17.15
N LEU B 357 -3.49 5.68 16.97
CA LEU B 357 -3.41 6.74 17.96
C LEU B 357 -3.96 6.28 19.30
N ALA B 358 -5.09 5.58 19.29
CA ALA B 358 -5.68 5.14 20.54
C ALA B 358 -4.72 4.24 21.30
N TYR B 359 -4.09 3.29 20.61
CA TYR B 359 -3.18 2.38 21.30
C TYR B 359 -1.91 3.09 21.74
N GLN B 360 -1.37 3.98 20.89
CA GLN B 360 -0.20 4.74 21.29
C GLN B 360 -0.46 5.52 22.57
N GLN B 361 -1.63 6.17 22.65
CA GLN B 361 -1.97 6.91 23.86
C GLN B 361 -2.18 5.96 25.05
N THR B 362 -2.89 4.86 24.84
CA THR B 362 -3.16 3.93 25.93
C THR B 362 -1.89 3.34 26.52
N SER B 363 -0.85 3.16 25.72
CA SER B 363 0.46 2.75 26.25
C SER B 363 1.33 3.95 26.63
N ALA B 364 0.88 5.17 26.33
CA ALA B 364 1.55 6.38 26.80
C ALA B 364 1.06 6.68 28.22
N PHE B 365 1.64 5.94 29.18
CA PHE B 365 1.13 5.95 30.53
C PHE B 365 1.13 7.35 31.13
N ALA B 366 0.06 7.69 31.83
CA ALA B 366 -0.08 9.01 32.43
C ALA B 366 0.50 9.00 33.85
N ARG B 367 0.34 10.14 34.53
CA ARG B 367 0.84 10.28 35.90
C ARG B 367 -0.08 9.57 36.90
N GLN B 368 -1.39 9.56 36.66
CA GLN B 368 -2.35 8.96 37.57
C GLN B 368 -3.30 8.08 36.77
N PRO B 369 -3.93 7.09 37.42
CA PRO B 369 -4.68 6.09 36.66
C PRO B 369 -6.01 6.58 36.09
N ARG B 370 -6.53 7.71 36.56
CA ARG B 370 -7.79 8.22 36.02
C ARG B 370 -7.65 8.51 34.54
N ASP B 371 -6.55 9.15 34.16
CA ASP B 371 -6.27 9.35 32.74
C ASP B 371 -6.18 8.01 32.01
N GLU B 372 -5.67 6.98 32.68
CA GLU B 372 -5.60 5.67 32.06
C GLU B 372 -6.98 5.12 31.78
N LEU B 373 -7.91 5.28 32.73
CA LEU B 373 -9.29 4.88 32.49
C LEU B 373 -9.88 5.63 31.32
N GLU B 374 -9.61 6.93 31.24
CA GLU B 374 -10.11 7.70 30.10
C GLU B 374 -9.54 7.19 28.79
N ARG B 375 -8.25 6.85 28.78
CA ARG B 375 -7.62 6.31 27.57
C ARG B 375 -8.27 4.99 27.16
N VAL B 376 -8.54 4.12 28.13
CA VAL B 376 -9.20 2.85 27.82
C VAL B 376 -10.59 3.12 27.25
N ARG B 377 -11.31 4.08 27.81
CA ARG B 377 -12.62 4.43 27.28
C ARG B 377 -12.51 4.89 25.83
N VAL B 378 -11.51 5.72 25.53
CA VAL B 378 -11.33 6.21 24.16
C VAL B 378 -11.06 5.04 23.22
N SER B 379 -10.18 4.11 23.63
CA SER B 379 -9.88 2.97 22.77
C SER B 379 -11.13 2.14 22.52
N CYS B 380 -11.91 1.89 23.57
CA CYS B 380 -13.10 1.06 23.42
C CYS B 380 -14.12 1.72 22.49
N THR B 381 -14.33 3.03 22.64
CA THR B 381 -15.30 3.70 21.77
C THR B 381 -14.82 3.72 20.33
N ILE B 382 -13.52 3.91 20.11
CA ILE B 382 -13.01 3.88 18.74
C ILE B 382 -13.23 2.51 18.11
N ILE B 383 -12.94 1.44 18.86
CA ILE B 383 -13.12 0.10 18.30
C ILE B 383 -14.59 -0.17 17.99
N PHE B 384 -15.48 0.22 18.91
CA PHE B 384 -16.90 0.02 18.66
C PHE B 384 -17.35 0.77 17.42
N LEU B 385 -16.91 2.03 17.28
CA LEU B 385 -17.29 2.78 16.09
C LEU B 385 -16.76 2.12 14.83
N ALA B 386 -15.54 1.57 14.89
CA ALA B 386 -14.97 0.92 13.73
C ALA B 386 -15.81 -0.27 13.29
N SER B 387 -16.21 -1.13 14.24
CA SER B 387 -16.84 -2.40 13.87
C SER B 387 -18.35 -2.31 13.70
N ILE B 388 -19.02 -1.40 14.40
CA ILE B 388 -20.47 -1.30 14.30
C ILE B 388 -20.89 -0.98 12.89
N PHE B 389 -20.04 -0.27 12.14
CA PHE B 389 -20.39 0.06 10.77
C PHE B 389 -20.21 -1.12 9.83
N GLN B 390 -19.28 -2.03 10.09
CA GLN B 390 -19.27 -3.29 9.34
C GLN B 390 -20.55 -4.07 9.59
N LEU B 391 -20.96 -4.16 10.86
CA LEU B 391 -22.22 -4.84 11.16
C LEU B 391 -23.38 -4.15 10.46
N ALA B 392 -23.40 -2.82 10.46
CA ALA B 392 -24.45 -2.08 9.79
C ALA B 392 -24.44 -2.33 8.29
N MET B 393 -23.26 -2.44 7.70
CA MET B 393 -23.17 -2.75 6.27
C MET B 393 -23.80 -4.09 5.98
N TRP B 394 -23.50 -5.10 6.78
CA TRP B 394 -24.10 -6.41 6.52
C TRP B 394 -25.61 -6.37 6.70
N THR B 395 -26.09 -5.69 7.74
CA THR B 395 -27.54 -5.59 7.93
C THR B 395 -28.21 -4.85 6.78
N THR B 396 -27.59 -3.78 6.30
CA THR B 396 -28.14 -3.06 5.16
C THR B 396 -28.22 -3.95 3.93
N ALA B 397 -27.18 -4.74 3.70
CA ALA B 397 -27.23 -5.68 2.58
C ALA B 397 -28.30 -6.74 2.78
N LEU B 398 -28.57 -7.11 4.03
CA LEU B 398 -29.62 -8.09 4.30
C LEU B 398 -30.97 -7.61 3.80
N LEU B 399 -31.21 -6.30 3.77
CA LEU B 399 -32.50 -5.79 3.34
C LEU B 399 -32.84 -6.22 1.92
N HIS B 400 -31.82 -6.49 1.09
CA HIS B 400 -32.05 -6.97 -0.27
C HIS B 400 -31.23 -8.23 -0.54
N GLN B 401 -30.89 -8.95 0.53
CA GLN B 401 -30.23 -10.25 0.40
C GLN B 401 -30.75 -11.06 -0.77
N ALA B 402 -32.06 -11.01 -1.04
CA ALA B 402 -32.63 -11.83 -2.10
C ALA B 402 -31.91 -11.65 -3.44
N GLU B 403 -31.14 -10.57 -3.60
CA GLU B 403 -30.40 -10.33 -4.82
C GLU B 403 -28.95 -9.96 -4.53
N THR B 404 -28.69 -9.43 -3.34
CA THR B 404 -27.38 -8.83 -3.06
C THR B 404 -26.38 -9.85 -2.52
N LEU B 405 -26.83 -10.86 -1.77
CA LEU B 405 -25.95 -11.75 -1.06
C LEU B 405 -25.97 -13.15 -1.66
N GLN B 406 -24.95 -13.93 -1.33
CA GLN B 406 -24.95 -15.33 -1.69
C GLN B 406 -26.05 -16.06 -0.93
N PRO B 407 -26.60 -17.14 -1.48
CA PRO B 407 -27.68 -17.84 -0.76
C PRO B 407 -27.26 -18.32 0.62
N SER B 408 -25.98 -18.63 0.82
CA SER B 408 -25.54 -19.22 2.08
C SER B 408 -25.68 -18.28 3.27
N VAL B 409 -25.91 -16.99 3.03
CA VAL B 409 -26.05 -16.02 4.11
C VAL B 409 -27.47 -15.50 4.24
N TRP B 410 -28.37 -15.87 3.34
CA TRP B 410 -29.76 -15.45 3.46
C TRP B 410 -30.32 -15.86 4.83
N PHE B 411 -31.45 -15.27 5.19
CA PHE B 411 -32.13 -15.67 6.41
C PHE B 411 -32.43 -17.16 6.35
N GLY B 412 -32.07 -17.87 7.41
CA GLY B 412 -32.17 -19.32 7.42
C GLY B 412 -31.09 -20.02 6.63
N GLY B 413 -30.03 -19.31 6.22
CA GLY B 413 -28.98 -19.93 5.46
C GLY B 413 -28.07 -20.79 6.32
N ARG B 414 -27.14 -21.47 5.65
CA ARG B 414 -26.25 -22.39 6.35
C ARG B 414 -25.22 -21.66 7.20
N GLU B 415 -24.98 -20.37 6.95
CA GLU B 415 -23.99 -19.60 7.70
C GLU B 415 -24.50 -18.25 8.14
N HIS B 416 -25.81 -18.00 8.08
CA HIS B 416 -26.34 -16.70 8.48
C HIS B 416 -26.03 -16.40 9.94
N VAL B 417 -26.28 -17.37 10.83
CA VAL B 417 -26.03 -17.16 12.26
C VAL B 417 -24.55 -16.94 12.51
N LEU B 418 -23.69 -17.73 11.87
CA LEU B 418 -22.26 -17.57 12.05
C LEU B 418 -21.80 -16.20 11.56
N MET B 419 -22.32 -15.75 10.42
CA MET B 419 -21.96 -14.43 9.92
C MET B 419 -22.36 -13.33 10.90
N PHE B 420 -23.59 -13.41 11.41
CA PHE B 420 -24.04 -12.41 12.36
C PHE B 420 -23.16 -12.39 13.59
N ALA B 421 -22.83 -13.57 14.13
CA ALA B 421 -21.98 -13.62 15.31
C ALA B 421 -20.59 -13.05 15.02
N LYS B 422 -20.04 -13.41 13.86
CA LYS B 422 -18.70 -12.96 13.51
C LYS B 422 -18.65 -11.44 13.40
N LEU B 423 -19.66 -10.83 12.80
CA LEU B 423 -19.67 -9.39 12.65
C LEU B 423 -20.04 -8.67 13.95
N ALA B 424 -20.81 -9.33 14.83
CA ALA B 424 -21.23 -8.69 16.07
C ALA B 424 -20.22 -8.84 17.20
N LEU B 425 -19.26 -9.75 17.06
CA LEU B 425 -18.31 -10.01 18.15
C LEU B 425 -17.69 -8.72 18.67
N TYR B 426 -16.96 -8.00 17.81
CA TYR B 426 -16.18 -6.86 18.28
C TYR B 426 -17.04 -5.77 18.92
N PRO B 427 -18.15 -5.38 18.32
CA PRO B 427 -19.00 -4.37 18.98
C PRO B 427 -19.40 -4.78 20.39
N CYS B 428 -19.74 -6.06 20.60
CA CYS B 428 -20.14 -6.50 21.93
C CYS B 428 -19.00 -6.37 22.92
N ALA B 429 -17.82 -6.88 22.56
CA ALA B 429 -16.69 -6.82 23.49
C ALA B 429 -16.30 -5.40 23.80
N SER B 430 -16.25 -4.54 22.78
CA SER B 430 -15.90 -3.14 23.00
C SER B 430 -16.92 -2.45 23.90
N LEU B 431 -18.21 -2.71 23.66
CA LEU B 431 -19.25 -2.09 24.47
C LEU B 431 -19.15 -2.54 25.93
N LEU B 432 -18.90 -3.84 26.15
CA LEU B 432 -18.76 -4.34 27.52
C LEU B 432 -17.53 -3.74 28.19
N ALA B 433 -16.42 -3.63 27.46
CA ALA B 433 -15.23 -3.02 28.04
C ALA B 433 -15.50 -1.57 28.43
N PHE B 434 -16.22 -0.84 27.57
CA PHE B 434 -16.62 0.52 27.91
C PHE B 434 -17.43 0.51 29.21
N ALA B 435 -18.53 -0.23 29.22
CA ALA B 435 -19.42 -0.21 30.38
C ALA B 435 -18.69 -0.60 31.66
N SER B 436 -17.69 -1.47 31.57
CA SER B 436 -16.93 -1.85 32.75
C SER B 436 -16.31 -0.64 33.43
N THR B 437 -15.85 0.33 32.65
CA THR B 437 -15.25 1.52 33.23
C THR B 437 -16.20 2.24 34.18
N CYS B 438 -17.51 2.17 33.92
CA CYS B 438 -18.50 2.75 34.82
C CYS B 438 -18.88 1.79 35.94
N LEU B 439 -19.06 0.51 35.61
CA LEU B 439 -19.59 -0.44 36.58
C LEU B 439 -18.49 -1.04 37.45
N LEU B 440 -17.34 -1.39 36.87
CA LEU B 440 -16.23 -2.00 37.60
C LEU B 440 -14.94 -1.26 37.33
N SER B 441 -14.95 0.06 37.54
CA SER B 441 -13.91 0.93 36.99
C SER B 441 -12.51 0.44 37.33
N ARG B 442 -12.24 0.19 38.61
CA ARG B 442 -10.85 -0.02 39.01
C ARG B 442 -10.26 -1.30 38.42
N PHE B 443 -11.09 -2.20 37.88
CA PHE B 443 -10.59 -3.37 37.18
C PHE B 443 -10.66 -3.24 35.66
N SER B 444 -11.02 -2.05 35.16
CA SER B 444 -11.34 -1.93 33.75
C SER B 444 -10.11 -2.02 32.86
N VAL B 445 -8.96 -1.53 33.31
CA VAL B 445 -7.75 -1.66 32.49
C VAL B 445 -7.39 -3.12 32.30
N GLY B 446 -7.44 -3.89 33.39
CA GLY B 446 -7.22 -5.32 33.28
C GLY B 446 -8.26 -6.00 32.41
N ILE B 447 -9.51 -5.54 32.49
CA ILE B 447 -10.56 -6.13 31.66
C ILE B 447 -10.29 -5.83 30.19
N PHE B 448 -9.80 -4.64 29.88
CA PHE B 448 -9.45 -4.31 28.50
C PHE B 448 -8.32 -5.20 28.00
N HIS B 449 -7.28 -5.38 28.82
CA HIS B 449 -6.20 -6.29 28.44
C HIS B 449 -6.73 -7.70 28.22
N LEU B 450 -7.63 -8.16 29.09
CA LEU B 450 -8.16 -9.51 28.96
C LEU B 450 -9.03 -9.64 27.71
N MET B 451 -9.76 -8.58 27.38
CA MET B 451 -10.59 -8.60 26.17
C MET B 451 -9.72 -8.70 24.92
N GLN B 452 -8.58 -8.01 24.92
CA GLN B 452 -7.66 -8.13 23.79
C GLN B 452 -7.27 -9.59 23.54
N ILE B 453 -7.12 -10.40 24.58
CA ILE B 453 -6.82 -11.81 24.41
C ILE B 453 -8.08 -12.62 24.11
N ALA B 454 -9.23 -12.18 24.62
CA ALA B 454 -10.46 -12.94 24.45
C ALA B 454 -10.93 -12.94 23.00
N VAL B 455 -10.92 -11.76 22.37
CA VAL B 455 -11.53 -11.64 21.04
C VAL B 455 -10.87 -12.57 20.02
N PRO B 456 -9.54 -12.58 19.88
CA PRO B 456 -8.94 -13.47 18.85
C PRO B 456 -9.30 -14.93 19.03
N CYS B 457 -9.29 -15.43 20.27
CA CYS B 457 -9.65 -16.81 20.52
C CYS B 457 -11.11 -17.05 20.18
N ALA B 458 -11.99 -16.09 20.51
CA ALA B 458 -13.39 -16.23 20.14
C ALA B 458 -13.57 -16.34 18.64
N PHE B 459 -12.82 -15.53 17.87
CA PHE B 459 -12.86 -15.66 16.42
C PHE B 459 -12.36 -17.04 15.99
N LEU B 460 -11.28 -17.52 16.61
CA LEU B 460 -10.70 -18.79 16.18
C LEU B 460 -11.69 -19.93 16.36
N LEU B 461 -12.41 -19.95 17.46
CA LEU B 461 -13.34 -21.04 17.78
C LEU B 461 -14.78 -20.71 17.41
N LEU B 462 -15.02 -19.66 16.62
CA LEU B 462 -16.37 -19.14 16.47
C LEU B 462 -17.34 -20.21 15.96
N ARG B 463 -16.92 -21.01 14.98
CA ARG B 463 -17.83 -22.03 14.46
C ARG B 463 -18.19 -23.05 15.53
N LEU B 464 -17.21 -23.50 16.30
CA LEU B 464 -17.47 -24.49 17.34
C LEU B 464 -18.39 -23.92 18.41
N LEU B 465 -18.14 -22.68 18.85
CA LEU B 465 -18.98 -22.08 19.88
C LEU B 465 -20.39 -21.83 19.37
N VAL B 466 -20.53 -21.43 18.10
CA VAL B 466 -21.85 -21.25 17.52
C VAL B 466 -22.60 -22.57 17.51
N GLY B 467 -21.93 -23.64 17.07
CA GLY B 467 -22.57 -24.95 17.08
C GLY B 467 -23.01 -25.35 18.47
N LEU B 468 -22.14 -25.14 19.46
CA LEU B 468 -22.47 -25.50 20.84
C LEU B 468 -23.68 -24.72 21.35
N ALA B 469 -23.67 -23.40 21.15
CA ALA B 469 -24.77 -22.57 21.65
C ALA B 469 -26.08 -22.95 20.96
N LEU B 470 -26.05 -23.16 19.65
CA LEU B 470 -27.26 -23.53 18.93
C LEU B 470 -27.76 -24.89 19.38
N ALA B 471 -26.85 -25.85 19.61
CA ALA B 471 -27.26 -27.15 20.11
C ALA B 471 -27.94 -27.03 21.46
N THR B 472 -27.37 -26.21 22.35
CA THR B 472 -27.98 -26.04 23.67
C THR B 472 -29.35 -25.37 23.57
N LEU B 473 -29.47 -24.36 22.72
CA LEU B 473 -30.71 -23.59 22.64
C LEU B 473 -31.75 -24.21 21.72
N ARG B 474 -31.42 -25.30 21.03
CA ARG B 474 -32.39 -25.94 20.13
C ARG B 474 -33.61 -26.44 20.88
N VAL B 475 -33.47 -26.88 22.11
CA VAL B 475 -34.56 -27.51 22.84
C VAL B 475 -34.94 -26.66 24.05
N LEU B 476 -34.75 -25.36 23.94
CA LEU B 476 -35.18 -24.43 24.99
C LEU B 476 -36.12 -23.38 24.41
N LEU C 383 38.87 9.22 -14.29
CA LEU C 383 38.08 8.90 -13.06
C LEU C 383 37.07 7.79 -13.35
N ILE C 384 36.19 7.52 -12.39
CA ILE C 384 35.30 6.37 -12.45
C ILE C 384 34.17 6.54 -13.46
N PRO C 385 33.65 7.76 -13.72
CA PRO C 385 32.44 7.86 -14.55
C PRO C 385 32.48 7.01 -15.81
N ILE C 386 33.59 7.05 -16.55
CA ILE C 386 33.67 6.24 -17.77
C ILE C 386 33.69 4.75 -17.42
N ALA C 387 34.30 4.38 -16.30
CA ALA C 387 34.34 2.97 -15.91
C ALA C 387 32.94 2.45 -15.57
N VAL C 388 32.17 3.23 -14.80
CA VAL C 388 30.81 2.82 -14.48
C VAL C 388 29.95 2.81 -15.74
N GLY C 389 30.17 3.76 -16.64
CA GLY C 389 29.50 3.70 -17.93
C GLY C 389 29.84 2.45 -18.70
N GLY C 390 31.09 1.99 -18.61
CA GLY C 390 31.46 0.74 -19.25
C GLY C 390 30.77 -0.44 -18.62
N ALA C 391 30.60 -0.41 -17.30
CA ALA C 391 29.82 -1.46 -16.63
C ALA C 391 28.38 -1.47 -17.11
N LEU C 392 27.79 -0.28 -17.27
CA LEU C 392 26.45 -0.16 -17.84
C LEU C 392 26.41 -0.75 -19.24
N ALA C 393 27.43 -0.44 -20.05
CA ALA C 393 27.50 -0.96 -21.40
C ALA C 393 27.59 -2.48 -21.38
N GLY C 394 28.36 -3.05 -20.44
CA GLY C 394 28.43 -4.49 -20.31
C GLY C 394 27.08 -5.10 -19.95
N LEU C 395 26.34 -4.45 -19.06
CA LEU C 395 25.00 -4.94 -18.70
C LEU C 395 24.09 -4.96 -19.93
N VAL C 396 24.05 -3.85 -20.67
CA VAL C 396 23.21 -3.84 -21.86
C VAL C 396 23.71 -4.86 -22.88
N LEU C 397 25.02 -5.11 -22.91
CA LEU C 397 25.56 -6.10 -23.83
C LEU C 397 25.10 -7.51 -23.47
N ILE C 398 25.07 -7.82 -22.17
CA ILE C 398 24.59 -9.15 -21.81
C ILE C 398 23.11 -9.27 -22.11
N VAL C 399 22.35 -8.19 -21.91
CA VAL C 399 20.95 -8.22 -22.32
C VAL C 399 20.83 -8.50 -23.82
N LEU C 400 21.67 -7.82 -24.62
CA LEU C 400 21.63 -8.00 -26.06
C LEU C 400 21.99 -9.43 -26.45
N ILE C 401 23.00 -10.01 -25.79
CA ILE C 401 23.41 -11.37 -26.11
C ILE C 401 22.30 -12.35 -25.74
N ALA C 402 21.59 -12.09 -24.64
CA ALA C 402 20.44 -12.92 -24.30
C ALA C 402 19.38 -12.84 -25.38
N TYR C 403 19.10 -11.63 -25.86
CA TYR C 403 18.08 -11.48 -26.91
C TYR C 403 18.50 -12.20 -28.18
N LEU C 404 19.78 -12.08 -28.56
CA LEU C 404 20.25 -12.72 -29.78
C LEU C 404 20.24 -14.24 -29.64
N VAL C 405 20.58 -14.75 -28.46
CA VAL C 405 20.51 -16.18 -28.22
C VAL C 405 19.07 -16.66 -28.37
N GLY C 406 18.13 -15.93 -27.79
CA GLY C 406 16.72 -16.29 -27.95
C GLY C 406 16.28 -16.28 -29.39
N ARG C 407 16.70 -15.26 -30.14
CA ARG C 407 16.36 -15.19 -31.56
C ARG C 407 16.91 -16.40 -32.31
N LYS C 408 18.19 -16.73 -32.08
CA LYS C 408 18.80 -17.85 -32.77
C LYS C 408 18.08 -19.15 -32.43
N ARG C 409 17.74 -19.35 -31.16
CA ARG C 409 16.99 -20.55 -30.78
C ARG C 409 15.66 -20.61 -31.51
N SER C 410 14.97 -19.48 -31.62
CA SER C 410 13.71 -19.40 -32.35
C SER C 410 12.74 -20.50 -31.94
N LEU D 383 -21.66 13.09 34.03
CA LEU D 383 -20.77 13.55 32.94
C LEU D 383 -21.15 12.87 31.62
N ILE D 384 -20.33 13.06 30.60
CA ILE D 384 -20.65 12.62 29.24
C ILE D 384 -20.56 11.10 29.07
N PRO D 385 -19.66 10.39 29.76
CA PRO D 385 -19.48 8.96 29.43
C PRO D 385 -20.77 8.19 29.25
N ILE D 386 -21.72 8.35 30.17
CA ILE D 386 -22.99 7.63 30.03
C ILE D 386 -23.76 8.13 28.81
N ALA D 387 -23.66 9.42 28.50
CA ALA D 387 -24.38 9.96 27.35
C ALA D 387 -23.81 9.39 26.04
N VAL D 388 -22.49 9.33 25.92
CA VAL D 388 -21.89 8.76 24.71
C VAL D 388 -22.19 7.26 24.65
N GLY D 389 -22.20 6.58 25.80
CA GLY D 389 -22.64 5.20 25.81
C GLY D 389 -24.07 5.04 25.34
N GLY D 390 -24.94 5.99 25.68
CA GLY D 390 -26.30 5.95 25.17
C GLY D 390 -26.36 6.17 23.67
N ALA D 391 -25.49 7.04 23.15
CA ALA D 391 -25.41 7.19 21.70
C ALA D 391 -24.97 5.90 21.04
N LEU D 392 -23.99 5.22 21.63
CA LEU D 392 -23.58 3.90 21.14
C LEU D 392 -24.74 2.92 21.17
N ALA D 393 -25.50 2.93 22.26
CA ALA D 393 -26.66 2.07 22.37
C ALA D 393 -27.68 2.38 21.28
N GLY D 394 -27.87 3.66 20.98
CA GLY D 394 -28.78 4.03 19.90
C GLY D 394 -28.30 3.53 18.55
N LEU D 395 -26.99 3.60 18.30
CA LEU D 395 -26.44 3.08 17.05
C LEU D 395 -26.69 1.58 16.93
N VAL D 396 -26.39 0.83 17.99
CA VAL D 396 -26.64 -0.61 17.92
C VAL D 396 -28.13 -0.88 17.80
N LEU D 397 -28.97 -0.01 18.37
CA LEU D 397 -30.41 -0.19 18.27
C LEU D 397 -30.89 0.00 16.83
N ILE D 398 -30.34 0.99 16.12
CA ILE D 398 -30.75 1.17 14.73
C ILE D 398 -30.25 -0.01 13.90
N VAL D 399 -29.06 -0.52 14.20
CA VAL D 399 -28.61 -1.73 13.52
C VAL D 399 -29.59 -2.88 13.76
N LEU D 400 -30.03 -3.04 15.01
CA LEU D 400 -30.96 -4.11 15.34
C LEU D 400 -32.29 -3.94 14.62
N ILE D 401 -32.78 -2.70 14.54
CA ILE D 401 -34.06 -2.45 13.88
C ILE D 401 -33.93 -2.74 12.39
N ALA D 402 -32.78 -2.42 11.81
CA ALA D 402 -32.55 -2.78 10.41
C ALA D 402 -32.59 -4.29 10.23
N TYR D 403 -31.93 -5.02 11.13
CA TYR D 403 -31.93 -6.48 11.02
C TYR D 403 -33.34 -7.04 11.16
N LEU D 404 -34.11 -6.52 12.11
CA LEU D 404 -35.47 -7.03 12.31
C LEU D 404 -36.36 -6.68 11.13
N VAL D 405 -36.19 -5.49 10.54
CA VAL D 405 -36.94 -5.14 9.35
C VAL D 405 -36.63 -6.11 8.22
N GLY D 406 -35.34 -6.40 8.03
CA GLY D 406 -34.97 -7.37 7.00
C GLY D 406 -35.58 -8.74 7.25
N ARG D 407 -35.55 -9.19 8.51
CA ARG D 407 -36.15 -10.48 8.85
C ARG D 407 -37.64 -10.48 8.53
N LYS D 408 -38.35 -9.44 8.94
CA LYS D 408 -39.79 -9.37 8.68
C LYS D 408 -40.07 -9.38 7.19
N ARG D 409 -39.30 -8.62 6.41
CA ARG D 409 -39.48 -8.63 4.96
C ARG D 409 -39.28 -10.04 4.40
N SER D 410 -38.26 -10.75 4.88
CA SER D 410 -38.00 -12.13 4.48
C SER D 410 -37.99 -12.28 2.95
#